data_3FKJ
#
_entry.id   3FKJ
#
_cell.length_a   63.880
_cell.length_b   63.880
_cell.length_c   295.930
_cell.angle_alpha   90.000
_cell.angle_beta   90.000
_cell.angle_gamma   120.000
#
_symmetry.space_group_name_H-M   'P 65'
#
loop_
_entity.id
_entity.type
_entity.pdbx_description
1 polymer 'Putative phosphosugar isomerases'
2 non-polymer 'THIOCYANATE ION'
3 water water
#
_entity_poly.entity_id   1
_entity_poly.type   'polypeptide(L)'
_entity_poly.pdbx_seq_one_letter_code
;(MSE)GSDKIHHHHHHENLYFQG(MSE)SVAHENARRIISDILGKQNIERVWFVGCGGSLTGFWPGKYFLDCEASKLAVG
YITSNEFVHATPKALGKNSVVILASQQGNTAETVAAARVAREKGAATIGLVYQPDTPLCEYSDYIIEYQWARYPETVDPA
QQKAAYSLWLALEILAQTEGYAQYDELVSAFGRFSDVVHGAQRQVQEDAQRFAAEWKDEKVVY(MSE)(MSE)GSGPSFG
AAHQESICILLE(MSE)QWINSASIHSGEYFHGPFEITEPGTPFILLQSSGRTRPLDDRAIRFIERYQGKLQLIDADKLG
IQDLSTDVGEYFCGLLHNCVLDVYNLALATARNHPLTTRRY(MSE)WKVEY
;
_entity_poly.pdbx_strand_id   A,B
#
# COMPACT_ATOMS: atom_id res chain seq x y z
N GLU A 13 -8.75 -47.19 -24.74
CA GLU A 13 -8.17 -45.88 -24.36
C GLU A 13 -7.05 -46.08 -23.34
N ASN A 14 -5.96 -45.35 -23.51
CA ASN A 14 -4.81 -45.42 -22.61
C ASN A 14 -4.97 -44.39 -21.54
N LEU A 15 -4.82 -44.79 -20.27
CA LEU A 15 -4.99 -43.88 -19.14
C LEU A 15 -3.73 -43.05 -18.85
N TYR A 16 -3.90 -41.73 -18.74
CA TYR A 16 -2.79 -40.80 -18.42
C TYR A 16 -2.82 -40.41 -16.94
N PHE A 17 -1.66 -40.43 -16.30
CA PHE A 17 -1.51 -40.06 -14.88
C PHE A 17 -0.47 -38.97 -14.77
N GLN A 18 -0.95 -37.79 -14.40
CA GLN A 18 -0.16 -36.57 -14.29
C GLN A 18 0.55 -36.46 -12.94
N GLY A 19 1.52 -35.52 -12.97
CA GLY A 19 2.30 -35.22 -11.79
C GLY A 19 1.86 -33.90 -11.22
N SER A 21 3.82 -30.08 -9.60
CA SER A 21 4.77 -29.15 -9.02
C SER A 21 4.92 -29.48 -7.54
N VAL A 22 6.14 -29.36 -7.03
CA VAL A 22 6.39 -29.35 -5.58
C VAL A 22 5.59 -28.29 -4.85
N ALA A 23 5.57 -27.07 -5.42
CA ALA A 23 4.83 -25.95 -4.85
C ALA A 23 3.31 -26.17 -4.96
N HIS A 24 2.84 -26.61 -6.12
CA HIS A 24 1.42 -27.00 -6.30
C HIS A 24 0.95 -28.01 -5.22
N GLU A 25 1.71 -29.07 -5.01
CA GLU A 25 1.30 -30.10 -4.06
C GLU A 25 1.35 -29.63 -2.61
N ASN A 26 2.40 -28.89 -2.24
CA ASN A 26 2.50 -28.28 -0.91
C ASN A 26 1.32 -27.38 -0.61
N ALA A 27 1.09 -26.43 -1.53
CA ALA A 27 -0.03 -25.50 -1.39
C ALA A 27 -1.35 -26.23 -1.23
N ARG A 28 -1.54 -27.25 -2.05
CA ARG A 28 -2.81 -27.94 -2.07
C ARG A 28 -3.06 -28.73 -0.80
N ARG A 29 -2.02 -29.43 -0.31
CA ARG A 29 -2.13 -30.18 0.96
C ARG A 29 -2.36 -29.23 2.13
N ILE A 30 -1.65 -28.11 2.16
CA ILE A 30 -1.80 -27.21 3.29
C ILE A 30 -3.23 -26.67 3.41
N ILE A 31 -3.81 -26.26 2.28
CA ILE A 31 -5.13 -25.63 2.28
C ILE A 31 -6.23 -26.66 2.54
N SER A 32 -6.09 -27.89 2.02
CA SER A 32 -7.04 -28.98 2.36
C SER A 32 -7.01 -29.31 3.85
N ASP A 33 -5.80 -29.45 4.40
CA ASP A 33 -5.66 -29.72 5.83
C ASP A 33 -6.34 -28.65 6.67
N ILE A 34 -6.07 -27.39 6.36
CA ILE A 34 -6.69 -26.30 7.08
C ILE A 34 -8.22 -26.33 6.97
N LEU A 35 -8.73 -26.53 5.75
CA LEU A 35 -10.20 -26.57 5.56
C LEU A 35 -10.90 -27.72 6.29
N GLY A 36 -10.16 -28.81 6.54
CA GLY A 36 -10.70 -29.92 7.33
C GLY A 36 -10.90 -29.56 8.80
N LYS A 37 -10.28 -28.45 9.23
CA LYS A 37 -10.25 -28.05 10.63
C LYS A 37 -10.92 -26.68 10.93
N GLN A 38 -11.15 -25.86 9.91
CA GLN A 38 -11.81 -24.58 10.09
C GLN A 38 -12.33 -24.07 8.76
N ASN A 39 -13.02 -22.93 8.80
CA ASN A 39 -13.31 -22.17 7.59
C ASN A 39 -12.13 -21.28 7.25
N ILE A 40 -12.00 -20.91 5.97
CA ILE A 40 -11.11 -19.85 5.57
C ILE A 40 -11.95 -18.68 5.14
N GLU A 41 -12.22 -17.78 6.09
CA GLU A 41 -13.04 -16.59 5.83
C GLU A 41 -12.21 -15.35 5.55
N ARG A 42 -10.99 -15.30 6.11
CA ARG A 42 -10.08 -14.17 5.98
C ARG A 42 -8.68 -14.72 5.86
N VAL A 43 -7.89 -14.07 4.99
CA VAL A 43 -6.46 -14.28 4.88
C VAL A 43 -5.74 -12.97 5.22
N TRP A 44 -4.62 -13.08 5.94
CA TRP A 44 -3.63 -12.03 6.01
C TRP A 44 -2.31 -12.52 5.47
N PHE A 45 -1.75 -11.70 4.61
CA PHE A 45 -0.34 -11.75 4.25
C PHE A 45 0.46 -10.82 5.14
N VAL A 46 1.42 -11.40 5.87
CA VAL A 46 2.15 -10.66 6.86
C VAL A 46 3.66 -10.88 6.73
N GLY A 47 4.39 -9.79 6.68
CA GLY A 47 5.82 -9.84 6.62
C GLY A 47 6.42 -8.46 6.55
N CYS A 48 7.74 -8.40 6.37
CA CYS A 48 8.49 -7.15 6.29
C CYS A 48 9.28 -7.04 5.00
N GLY A 49 9.25 -5.84 4.41
CA GLY A 49 10.02 -5.53 3.21
C GLY A 49 9.72 -6.46 2.08
N GLY A 50 10.77 -7.09 1.57
CA GLY A 50 10.63 -8.08 0.51
C GLY A 50 9.75 -9.26 0.88
N SER A 51 9.66 -9.55 2.17
CA SER A 51 8.81 -10.64 2.64
C SER A 51 7.34 -10.27 2.79
N LEU A 52 7.00 -8.99 2.58
CA LEU A 52 5.64 -8.57 2.36
C LEU A 52 5.30 -8.39 0.86
N THR A 53 6.16 -7.71 0.11
CA THR A 53 5.90 -7.50 -1.34
C THR A 53 5.91 -8.84 -2.10
N GLY A 54 6.58 -9.85 -1.55
CA GLY A 54 6.56 -11.21 -2.11
C GLY A 54 5.16 -11.85 -2.10
N PHE A 55 4.24 -11.28 -1.33
CA PHE A 55 2.87 -11.72 -1.25
C PHE A 55 1.92 -11.00 -2.22
N TRP A 56 2.39 -9.94 -2.90
CA TRP A 56 1.56 -9.19 -3.82
C TRP A 56 0.88 -10.03 -4.89
N PRO A 57 1.61 -10.99 -5.53
CA PRO A 57 0.93 -11.79 -6.54
C PRO A 57 -0.33 -12.52 -6.08
N GLY A 58 -0.26 -13.15 -4.91
CA GLY A 58 -1.42 -13.76 -4.32
C GLY A 58 -2.47 -12.77 -3.85
N LYS A 59 -2.04 -11.69 -3.21
CA LYS A 59 -2.95 -10.64 -2.77
C LYS A 59 -3.77 -10.14 -3.96
N TYR A 60 -3.07 -9.79 -5.04
CA TYR A 60 -3.73 -9.25 -6.24
C TYR A 60 -4.72 -10.26 -6.87
N PHE A 61 -4.30 -11.52 -6.96
CA PHE A 61 -5.17 -12.56 -7.49
C PHE A 61 -6.48 -12.69 -6.71
N LEU A 62 -6.37 -12.70 -5.39
CA LEU A 62 -7.56 -12.85 -4.55
C LEU A 62 -8.39 -11.60 -4.60
N ASP A 63 -7.78 -10.43 -4.56
CA ASP A 63 -8.55 -9.18 -4.65
C ASP A 63 -9.36 -9.15 -5.95
N CYS A 64 -8.79 -9.68 -7.02
CA CYS A 64 -9.49 -9.76 -8.29
C CYS A 64 -10.54 -10.86 -8.36
N GLU A 65 -10.23 -12.03 -7.83
CA GLU A 65 -10.95 -13.26 -8.13
C GLU A 65 -11.86 -13.80 -7.01
N ALA A 66 -11.49 -13.63 -5.74
CA ALA A 66 -12.27 -14.08 -4.58
C ALA A 66 -13.42 -13.14 -4.22
N SER A 67 -14.65 -13.65 -4.18
CA SER A 67 -15.84 -12.91 -3.79
C SER A 67 -16.22 -12.98 -2.31
N LYS A 68 -15.78 -14.03 -1.62
CA LYS A 68 -16.17 -14.20 -0.21
C LYS A 68 -15.09 -13.78 0.76
N LEU A 69 -13.86 -13.89 0.34
CA LEU A 69 -12.72 -13.68 1.21
C LEU A 69 -12.43 -12.23 1.52
N ALA A 70 -12.08 -11.96 2.76
CA ALA A 70 -11.49 -10.69 3.16
C ALA A 70 -9.98 -10.94 3.20
N VAL A 71 -9.21 -10.10 2.47
CA VAL A 71 -7.78 -10.27 2.28
C VAL A 71 -6.99 -9.07 2.83
N GLY A 72 -6.10 -9.35 3.78
CA GLY A 72 -5.25 -8.37 4.43
C GLY A 72 -3.81 -8.51 4.00
N TYR A 73 -3.05 -7.43 4.17
CA TYR A 73 -1.67 -7.33 3.68
C TYR A 73 -0.95 -6.31 4.51
N ILE A 74 -0.12 -6.77 5.42
CA ILE A 74 0.30 -5.90 6.52
C ILE A 74 1.74 -6.18 7.00
N THR A 75 2.46 -5.10 7.30
CA THR A 75 3.80 -5.19 7.85
C THR A 75 3.71 -5.75 9.27
N SER A 76 4.62 -6.67 9.58
CA SER A 76 4.52 -7.56 10.73
C SER A 76 4.33 -6.83 12.05
N ASN A 77 5.14 -5.82 12.30
CA ASN A 77 5.12 -5.16 13.56
C ASN A 77 3.89 -4.31 13.77
N GLU A 78 3.27 -3.84 12.69
CA GLU A 78 1.99 -3.20 12.83
C GLU A 78 0.87 -4.19 13.19
N PHE A 79 0.90 -5.37 12.57
CA PHE A 79 0.00 -6.50 12.84
C PHE A 79 0.07 -6.93 14.30
N VAL A 80 1.31 -6.99 14.81
CA VAL A 80 1.59 -7.33 16.21
C VAL A 80 1.02 -6.29 17.15
N HIS A 81 1.25 -5.03 16.82
CA HIS A 81 0.92 -3.96 17.78
C HIS A 81 -0.54 -3.46 17.73
N ALA A 82 -1.11 -3.42 16.53
CA ALA A 82 -2.50 -3.02 16.30
C ALA A 82 -3.18 -4.17 15.55
N THR A 83 -3.40 -5.23 16.30
CA THR A 83 -4.01 -6.45 15.79
C THR A 83 -5.50 -6.22 15.49
N PRO A 84 -5.88 -6.54 14.24
CA PRO A 84 -7.29 -6.46 13.83
C PRO A 84 -8.18 -7.35 14.67
N LYS A 85 -9.30 -6.81 15.11
CA LYS A 85 -10.26 -7.61 15.84
C LYS A 85 -10.85 -8.69 14.97
N ALA A 86 -10.75 -8.55 13.65
CA ALA A 86 -11.26 -9.58 12.73
C ALA A 86 -10.43 -10.85 12.73
N LEU A 87 -9.21 -10.81 13.28
CA LEU A 87 -8.37 -12.02 13.31
C LEU A 87 -8.93 -13.07 14.31
N GLY A 88 -9.07 -14.31 13.86
CA GLY A 88 -9.54 -15.36 14.73
C GLY A 88 -9.57 -16.76 14.12
N LYS A 89 -10.46 -17.59 14.65
CA LYS A 89 -10.54 -19.02 14.39
C LYS A 89 -10.55 -19.40 12.94
N ASN A 90 -11.29 -18.63 12.14
CA ASN A 90 -11.47 -18.86 10.70
C ASN A 90 -10.63 -17.94 9.79
N SER A 91 -9.52 -17.46 10.34
CA SER A 91 -8.51 -16.71 9.60
C SER A 91 -7.32 -17.61 9.31
N VAL A 92 -6.63 -17.30 8.22
CA VAL A 92 -5.34 -17.86 7.87
C VAL A 92 -4.35 -16.71 7.75
N VAL A 93 -3.23 -16.84 8.41
CA VAL A 93 -2.18 -15.81 8.38
C VAL A 93 -0.96 -16.45 7.74
N ILE A 94 -0.51 -15.84 6.65
CA ILE A 94 0.58 -16.37 5.88
C ILE A 94 1.74 -15.42 6.01
N LEU A 95 2.83 -15.95 6.60
CA LEU A 95 4.01 -15.17 6.93
C LEU A 95 5.25 -15.66 6.15
N ALA A 96 6.16 -14.74 5.83
CA ALA A 96 7.42 -15.06 5.18
C ALA A 96 8.56 -14.37 5.89
N SER A 97 9.69 -15.07 5.96
CA SER A 97 10.96 -14.53 6.48
C SER A 97 12.07 -15.39 5.88
N GLN A 98 13.03 -14.75 5.20
CA GLN A 98 14.20 -15.45 4.62
C GLN A 98 14.98 -16.40 5.58
N GLN A 99 15.67 -15.82 6.55
CA GLN A 99 16.43 -16.57 7.56
C GLN A 99 15.55 -17.00 8.74
N GLY A 100 14.24 -16.74 8.67
CA GLY A 100 13.24 -17.22 9.63
C GLY A 100 13.24 -16.60 11.02
N ASN A 101 13.94 -15.48 11.22
CA ASN A 101 14.11 -14.88 12.55
C ASN A 101 13.74 -13.39 12.74
N THR A 102 13.28 -12.68 11.68
CA THR A 102 12.81 -11.31 11.83
C THR A 102 11.85 -11.29 13.02
N ALA A 103 12.32 -10.78 14.16
CA ALA A 103 11.59 -10.84 15.43
C ALA A 103 10.14 -10.44 15.30
N GLU A 104 9.84 -9.39 14.52
CA GLU A 104 8.45 -8.93 14.41
C GLU A 104 7.56 -9.88 13.59
N THR A 105 8.14 -10.59 12.63
CA THR A 105 7.39 -11.58 11.85
C THR A 105 7.15 -12.82 12.70
N VAL A 106 8.10 -13.15 13.59
CA VAL A 106 7.92 -14.29 14.52
C VAL A 106 6.79 -13.95 15.53
N ALA A 107 6.80 -12.73 16.04
CA ALA A 107 5.76 -12.22 16.97
C ALA A 107 4.39 -12.12 16.32
N ALA A 108 4.36 -11.75 15.04
CA ALA A 108 3.13 -11.80 14.23
C ALA A 108 2.50 -13.21 14.16
N ALA A 109 3.34 -14.23 13.88
CA ALA A 109 2.93 -15.62 13.87
C ALA A 109 2.44 -16.08 15.24
N ARG A 110 3.08 -15.61 16.31
CA ARG A 110 2.71 -15.91 17.68
C ARG A 110 1.36 -15.32 18.00
N VAL A 111 1.17 -14.05 17.70
CA VAL A 111 -0.12 -13.39 17.92
C VAL A 111 -1.24 -14.07 17.12
N ALA A 112 -0.97 -14.41 15.85
CA ALA A 112 -1.96 -15.05 14.99
C ALA A 112 -2.43 -16.36 15.62
N ARG A 113 -1.47 -17.19 16.02
CA ARG A 113 -1.74 -18.45 16.71
C ARG A 113 -2.47 -18.24 18.05
N GLU A 114 -2.08 -17.22 18.83
CA GLU A 114 -2.80 -16.90 20.08
C GLU A 114 -4.27 -16.51 19.86
N LYS A 115 -4.56 -15.96 18.70
CA LYS A 115 -5.91 -15.53 18.29
C LYS A 115 -6.74 -16.67 17.70
N GLY A 116 -6.10 -17.79 17.40
CA GLY A 116 -6.79 -18.98 16.88
C GLY A 116 -6.68 -19.15 15.36
N ALA A 117 -5.93 -18.27 14.70
CA ALA A 117 -5.73 -18.34 13.24
C ALA A 117 -4.79 -19.49 12.90
N ALA A 118 -5.01 -20.11 11.73
CA ALA A 118 -4.00 -20.97 11.14
C ALA A 118 -2.87 -20.11 10.61
N THR A 119 -1.64 -20.57 10.84
CA THR A 119 -0.46 -19.87 10.36
C THR A 119 0.29 -20.73 9.31
N ILE A 120 0.66 -20.12 8.18
CA ILE A 120 1.52 -20.75 7.17
C ILE A 120 2.79 -19.92 7.11
N GLY A 121 3.93 -20.56 7.38
CA GLY A 121 5.22 -19.90 7.39
C GLY A 121 6.06 -20.28 6.19
N LEU A 122 6.45 -19.27 5.40
CA LEU A 122 7.41 -19.46 4.29
C LEU A 122 8.83 -19.08 4.79
N VAL A 123 9.76 -20.03 4.70
CA VAL A 123 11.14 -19.82 5.14
C VAL A 123 12.11 -20.31 4.08
N TYR A 124 13.30 -19.73 4.05
CA TYR A 124 14.37 -20.27 3.24
C TYR A 124 15.19 -21.27 4.08
N GLN A 125 15.48 -20.84 5.32
CA GLN A 125 16.22 -21.63 6.30
C GLN A 125 15.24 -22.35 7.23
N PRO A 126 15.27 -23.70 7.24
CA PRO A 126 14.45 -24.49 8.17
C PRO A 126 14.94 -24.43 9.63
N ASP A 127 14.09 -24.86 10.55
CA ASP A 127 14.35 -24.81 12.01
C ASP A 127 14.63 -23.40 12.53
N THR A 128 14.16 -22.39 11.80
CA THR A 128 14.37 -21.00 12.19
C THR A 128 13.16 -20.55 13.01
N PRO A 129 13.33 -19.48 13.81
CA PRO A 129 12.31 -19.11 14.82
C PRO A 129 10.85 -18.97 14.32
N LEU A 130 10.67 -18.57 13.06
CA LEU A 130 9.32 -18.46 12.51
C LEU A 130 8.58 -19.80 12.59
N CYS A 131 9.31 -20.89 12.34
CA CYS A 131 8.76 -22.24 12.41
C CYS A 131 8.04 -22.57 13.72
N GLU A 132 8.54 -22.07 14.85
CA GLU A 132 7.91 -22.39 16.12
C GLU A 132 6.39 -22.10 16.11
N TYR A 133 6.01 -20.99 15.49
CA TYR A 133 4.62 -20.53 15.47
C TYR A 133 3.94 -20.73 14.12
N SER A 134 4.51 -21.60 13.28
CA SER A 134 3.94 -21.91 11.97
C SER A 134 3.26 -23.26 12.04
N ASP A 135 1.95 -23.30 11.84
CA ASP A 135 1.23 -24.59 11.84
C ASP A 135 1.70 -25.38 10.63
N TYR A 136 1.97 -24.68 9.53
CA TYR A 136 2.46 -25.29 8.30
C TYR A 136 3.68 -24.50 7.84
N ILE A 137 4.67 -25.21 7.34
CA ILE A 137 5.96 -24.64 6.92
C ILE A 137 6.24 -24.95 5.45
N ILE A 138 6.58 -23.93 4.68
CA ILE A 138 7.02 -24.11 3.31
C ILE A 138 8.48 -23.65 3.24
N GLU A 139 9.36 -24.53 2.78
CA GLU A 139 10.73 -24.12 2.52
C GLU A 139 10.80 -23.74 1.05
N TYR A 140 10.75 -22.44 0.78
CA TYR A 140 10.78 -21.98 -0.59
C TYR A 140 12.21 -22.04 -1.06
N GLN A 141 12.40 -21.98 -2.37
CA GLN A 141 13.72 -21.93 -2.94
C GLN A 141 14.19 -20.53 -3.30
N TRP A 142 15.50 -20.37 -3.22
CA TRP A 142 16.15 -19.11 -3.44
C TRP A 142 17.60 -19.33 -3.88
N ALA A 143 18.06 -18.56 -4.86
CA ALA A 143 19.48 -18.37 -5.14
C ALA A 143 19.75 -16.91 -5.53
N ARG A 144 21.00 -16.51 -5.36
CA ARG A 144 21.50 -15.22 -5.80
C ARG A 144 21.93 -15.23 -7.26
N TYR A 145 21.16 -14.50 -8.08
CA TYR A 145 21.44 -14.32 -9.51
C TYR A 145 22.93 -13.96 -9.63
N PRO A 146 23.65 -14.59 -10.58
CA PRO A 146 23.24 -15.44 -11.70
C PRO A 146 22.99 -16.95 -11.40
N GLU A 147 23.13 -17.34 -10.14
CA GLU A 147 22.67 -18.65 -9.71
C GLU A 147 21.15 -18.61 -9.75
N THR A 148 20.54 -19.72 -10.09
CA THR A 148 19.10 -19.76 -10.21
C THR A 148 18.57 -21.06 -9.59
N VAL A 149 17.26 -21.08 -9.34
CA VAL A 149 16.53 -22.21 -8.82
C VAL A 149 15.25 -22.27 -9.66
N ASP A 150 14.33 -23.16 -9.30
CA ASP A 150 13.02 -23.25 -9.95
C ASP A 150 12.21 -22.04 -9.55
N PRO A 151 11.86 -21.15 -10.51
CA PRO A 151 11.02 -19.97 -10.26
C PRO A 151 9.62 -20.29 -9.64
N ALA A 152 9.01 -21.41 -10.05
CA ALA A 152 7.73 -21.86 -9.52
C ALA A 152 7.81 -22.23 -8.02
N GLN A 153 9.02 -22.32 -7.47
CA GLN A 153 9.25 -22.60 -6.04
C GLN A 153 9.86 -21.44 -5.25
N GLN A 154 9.95 -20.29 -5.89
CA GLN A 154 10.37 -19.09 -5.18
C GLN A 154 9.27 -18.46 -4.33
N LYS A 155 9.72 -17.67 -3.35
CA LYS A 155 8.86 -17.07 -2.31
C LYS A 155 7.62 -16.41 -2.87
N ALA A 156 7.77 -15.54 -3.88
CA ALA A 156 6.63 -14.82 -4.45
C ALA A 156 5.70 -15.77 -5.20
N ALA A 157 6.29 -16.77 -5.89
CA ALA A 157 5.51 -17.79 -6.59
C ALA A 157 4.54 -18.50 -5.62
N TYR A 158 4.99 -18.81 -4.42
CA TYR A 158 4.17 -19.51 -3.43
C TYR A 158 2.98 -18.66 -2.97
N SER A 159 3.12 -17.33 -3.03
CA SER A 159 1.98 -16.47 -2.72
C SER A 159 0.86 -16.78 -3.73
N LEU A 160 1.23 -17.06 -4.99
CA LEU A 160 0.21 -17.25 -6.01
C LEU A 160 -0.34 -18.68 -5.94
N TRP A 161 0.54 -19.65 -5.66
CA TRP A 161 0.10 -21.05 -5.45
C TRP A 161 -0.91 -21.14 -4.30
N LEU A 162 -0.57 -20.55 -3.16
CA LEU A 162 -1.44 -20.58 -1.96
C LEU A 162 -2.74 -19.84 -2.23
N ALA A 163 -2.66 -18.68 -2.85
CA ALA A 163 -3.85 -17.94 -3.31
C ALA A 163 -4.77 -18.80 -4.19
N LEU A 164 -4.18 -19.40 -5.25
CA LEU A 164 -4.91 -20.28 -6.16
C LEU A 164 -5.69 -21.36 -5.38
N GLU A 165 -5.02 -22.01 -4.45
CA GLU A 165 -5.61 -23.08 -3.65
C GLU A 165 -6.66 -22.62 -2.66
N ILE A 166 -6.45 -21.46 -2.04
CA ILE A 166 -7.48 -20.90 -1.15
C ILE A 166 -8.76 -20.64 -1.94
N LEU A 167 -8.65 -20.06 -3.12
CA LEU A 167 -9.77 -19.72 -3.93
C LEU A 167 -10.42 -20.96 -4.45
N ALA A 168 -9.62 -21.85 -5.03
CA ALA A 168 -10.16 -23.05 -5.64
C ALA A 168 -10.91 -23.92 -4.61
N GLN A 169 -10.36 -24.06 -3.40
CA GLN A 169 -10.93 -25.02 -2.44
C GLN A 169 -12.05 -24.39 -1.58
N THR A 170 -12.27 -23.08 -1.73
CA THR A 170 -13.37 -22.40 -1.05
C THR A 170 -14.47 -21.89 -1.99
N GLU A 171 -14.12 -21.40 -3.16
CA GLU A 171 -15.12 -20.85 -4.07
C GLU A 171 -15.15 -21.56 -5.43
N GLY A 172 -14.14 -22.34 -5.70
CA GLY A 172 -13.90 -22.88 -7.02
C GLY A 172 -13.25 -21.84 -7.92
N TYR A 173 -12.55 -22.31 -8.95
CA TYR A 173 -11.91 -21.43 -9.88
C TYR A 173 -11.86 -22.10 -11.22
N ALA A 174 -12.62 -21.56 -12.16
CA ALA A 174 -12.77 -22.16 -13.51
C ALA A 174 -11.47 -22.27 -14.24
N GLN A 175 -10.56 -21.32 -14.05
CA GLN A 175 -9.24 -21.37 -14.69
C GLN A 175 -8.13 -22.08 -13.92
N TYR A 176 -8.48 -22.87 -12.92
CA TYR A 176 -7.45 -23.62 -12.14
C TYR A 176 -6.42 -24.34 -13.00
N ASP A 177 -6.92 -25.15 -13.93
CA ASP A 177 -6.07 -25.94 -14.78
C ASP A 177 -5.23 -25.02 -15.64
N GLU A 178 -5.82 -23.94 -16.13
CA GLU A 178 -5.09 -22.98 -16.98
C GLU A 178 -3.92 -22.33 -16.24
N LEU A 179 -4.10 -22.03 -14.97
CA LEU A 179 -3.07 -21.33 -14.19
C LEU A 179 -1.97 -22.34 -13.79
N VAL A 180 -2.37 -23.57 -13.49
CA VAL A 180 -1.44 -24.63 -13.14
C VAL A 180 -0.53 -24.96 -14.30
N SER A 181 -1.06 -24.95 -15.51
CA SER A 181 -0.25 -25.26 -16.69
C SER A 181 0.51 -23.99 -17.12
N ALA A 182 -0.06 -22.80 -16.87
CA ALA A 182 0.70 -21.54 -17.02
C ALA A 182 1.94 -21.59 -16.14
N PHE A 183 1.78 -21.98 -14.88
CA PHE A 183 2.93 -22.14 -13.95
C PHE A 183 3.94 -23.18 -14.45
N GLY A 184 3.45 -24.19 -15.18
CA GLY A 184 4.34 -25.21 -15.77
C GLY A 184 5.21 -24.69 -16.88
N ARG A 185 4.80 -23.55 -17.46
CA ARG A 185 5.54 -22.90 -18.54
C ARG A 185 6.41 -21.77 -18.02
N PHE A 186 6.32 -21.52 -16.73
CA PHE A 186 6.84 -20.29 -16.17
C PHE A 186 8.37 -20.28 -16.20
N SER A 187 8.99 -21.41 -15.88
CA SER A 187 10.44 -21.50 -15.85
C SER A 187 11.05 -21.20 -17.20
N ASP A 188 10.44 -21.73 -18.27
CA ASP A 188 10.91 -21.46 -19.63
C ASP A 188 10.73 -19.99 -19.99
N VAL A 189 9.60 -19.41 -19.61
CA VAL A 189 9.38 -17.97 -19.85
C VAL A 189 10.41 -17.12 -19.08
N VAL A 190 10.61 -17.41 -17.79
CA VAL A 190 11.62 -16.69 -16.98
C VAL A 190 13.00 -16.76 -17.64
N HIS A 191 13.44 -17.95 -18.01
CA HIS A 191 14.77 -18.11 -18.67
C HIS A 191 14.89 -17.38 -20.01
N GLY A 192 13.85 -17.48 -20.84
CA GLY A 192 13.81 -16.71 -22.08
C GLY A 192 13.84 -15.20 -21.89
N ALA A 193 13.16 -14.71 -20.87
CA ALA A 193 13.10 -13.28 -20.55
C ALA A 193 14.45 -12.74 -20.05
N GLN A 194 15.05 -13.48 -19.11
CA GLN A 194 16.34 -13.09 -18.58
C GLN A 194 17.43 -13.06 -19.66
N ARG A 195 17.39 -14.01 -20.58
CA ARG A 195 18.33 -14.01 -21.69
C ARG A 195 18.07 -12.81 -22.61
N GLN A 196 16.81 -12.61 -22.97
CA GLN A 196 16.41 -11.51 -23.83
C GLN A 196 16.83 -10.10 -23.35
N VAL A 197 16.95 -9.89 -22.03
CA VAL A 197 17.23 -8.53 -21.52
C VAL A 197 18.72 -8.21 -21.24
N GLN A 198 19.61 -9.17 -21.48
CA GLN A 198 21.05 -9.01 -21.17
C GLN A 198 21.62 -7.75 -21.77
N GLU A 199 21.30 -7.50 -23.03
CA GLU A 199 21.88 -6.37 -23.75
C GLU A 199 21.32 -5.08 -23.19
N ASP A 200 19.99 -5.02 -23.12
CA ASP A 200 19.32 -3.83 -22.58
C ASP A 200 19.81 -3.48 -21.17
N ALA A 201 20.00 -4.51 -20.33
CA ALA A 201 20.43 -4.36 -18.95
C ALA A 201 21.80 -3.71 -18.85
N GLN A 202 22.70 -4.12 -19.74
CA GLN A 202 24.04 -3.51 -19.86
C GLN A 202 24.01 -2.04 -20.20
N ARG A 203 23.12 -1.71 -21.10
CA ARG A 203 22.99 -0.37 -21.65
C ARG A 203 22.35 0.54 -20.55
N PHE A 204 21.37 -0.03 -19.84
CA PHE A 204 20.77 0.56 -18.65
C PHE A 204 21.80 0.90 -17.55
N ALA A 205 22.57 -0.12 -17.14
CA ALA A 205 23.63 0.04 -16.14
C ALA A 205 24.57 1.21 -16.51
N ALA A 206 25.10 1.21 -17.74
CA ALA A 206 26.01 2.27 -18.18
C ALA A 206 25.34 3.66 -18.15
N GLU A 207 24.07 3.73 -18.54
CA GLU A 207 23.38 5.02 -18.64
C GLU A 207 22.75 5.53 -17.34
N TRP A 208 22.54 4.64 -16.38
CA TRP A 208 21.80 4.99 -15.13
C TRP A 208 22.67 4.98 -13.89
N LYS A 209 23.94 4.61 -14.04
CA LYS A 209 24.86 4.46 -12.92
C LYS A 209 25.07 5.70 -12.07
N ASP A 210 24.82 6.88 -12.62
CA ASP A 210 25.01 8.13 -11.87
C ASP A 210 23.73 8.78 -11.32
N GLU A 211 22.57 8.16 -11.51
CA GLU A 211 21.32 8.69 -10.97
C GLU A 211 21.27 8.52 -9.44
N LYS A 212 20.84 9.57 -8.77
CA LYS A 212 20.71 9.62 -7.32
C LYS A 212 19.25 9.42 -6.85
N VAL A 213 18.29 9.66 -7.75
CA VAL A 213 16.85 9.48 -7.49
C VAL A 213 16.22 8.71 -8.65
N VAL A 214 15.57 7.60 -8.33
CA VAL A 214 14.85 6.80 -9.33
C VAL A 214 13.41 6.55 -8.86
N TYR A 215 12.44 6.78 -9.72
CA TYR A 215 11.03 6.43 -9.41
C TYR A 215 10.61 5.08 -10.09
N GLY A 218 4.37 0.97 -11.69
CA GLY A 218 3.66 -0.21 -12.10
C GLY A 218 2.24 -0.08 -11.61
N SER A 219 1.42 -1.02 -12.06
CA SER A 219 0.03 -1.08 -11.66
C SER A 219 -0.41 -2.51 -11.59
N GLY A 220 -1.61 -2.73 -11.09
CA GLY A 220 -2.17 -4.09 -11.06
C GLY A 220 -1.24 -5.14 -10.52
N PRO A 221 -0.96 -6.21 -11.31
CA PRO A 221 -0.20 -7.33 -10.77
C PRO A 221 1.28 -6.99 -10.56
N SER A 222 1.77 -5.95 -11.23
CA SER A 222 3.18 -5.57 -11.17
C SER A 222 3.54 -4.53 -10.09
N PHE A 223 2.55 -4.00 -9.35
CA PHE A 223 2.81 -2.95 -8.44
C PHE A 223 3.71 -3.39 -7.26
N GLY A 224 3.51 -4.62 -6.79
CA GLY A 224 4.37 -5.14 -5.72
C GLY A 224 5.83 -5.16 -6.14
N ALA A 225 6.07 -5.65 -7.32
CA ALA A 225 7.40 -5.69 -7.93
C ALA A 225 8.08 -4.31 -8.02
N ALA A 226 7.28 -3.30 -8.27
CA ALA A 226 7.77 -1.97 -8.40
C ALA A 226 8.20 -1.44 -7.03
N HIS A 227 7.35 -1.68 -6.05
CA HIS A 227 7.65 -1.27 -4.73
C HIS A 227 8.84 -2.01 -4.15
N GLN A 228 8.88 -3.34 -4.36
CA GLN A 228 9.99 -4.12 -3.94
C GLN A 228 11.31 -3.61 -4.54
N GLU A 229 11.34 -3.37 -5.84
CA GLU A 229 12.54 -2.84 -6.45
C GLU A 229 12.96 -1.57 -5.77
N SER A 230 11.99 -0.71 -5.49
CA SER A 230 12.25 0.56 -4.83
C SER A 230 12.89 0.43 -3.46
N ILE A 231 12.26 -0.35 -2.59
CA ILE A 231 12.66 -0.44 -1.18
C ILE A 231 13.77 -1.49 -0.95
N CYS A 232 13.75 -2.60 -1.68
CA CYS A 232 14.69 -3.70 -1.45
C CYS A 232 15.93 -3.69 -2.31
N ILE A 233 15.92 -2.94 -3.41
CA ILE A 233 17.07 -2.90 -4.33
C ILE A 233 17.67 -1.49 -4.38
N LEU A 234 16.87 -0.49 -4.67
CA LEU A 234 17.41 0.85 -4.95
C LEU A 234 17.84 1.48 -3.65
N LEU A 235 16.93 1.56 -2.65
CA LEU A 235 17.28 2.02 -1.31
C LEU A 235 18.23 1.00 -0.59
N GLU A 236 17.79 -0.24 -0.46
CA GLU A 236 18.53 -1.19 0.36
C GLU A 236 19.91 -1.56 -0.19
N GLN A 238 21.54 -0.47 -3.16
CA GLN A 238 22.27 0.46 -3.99
C GLN A 238 22.46 1.83 -3.40
N TRP A 239 21.79 2.12 -2.30
CA TRP A 239 21.74 3.47 -1.72
C TRP A 239 21.35 4.56 -2.73
N ILE A 240 20.29 4.31 -3.52
CA ILE A 240 19.75 5.28 -4.49
C ILE A 240 18.36 5.69 -3.98
N ASN A 241 18.11 6.99 -3.89
CA ASN A 241 16.87 7.49 -3.38
C ASN A 241 15.78 7.02 -4.33
N SER A 242 14.66 6.59 -3.76
CA SER A 242 13.61 6.02 -4.57
C SER A 242 12.25 6.08 -3.88
N ALA A 243 11.24 6.20 -4.73
CA ALA A 243 9.85 6.00 -4.36
C ALA A 243 9.20 5.13 -5.41
N SER A 244 8.15 4.43 -4.99
CA SER A 244 7.24 3.74 -5.89
C SER A 244 5.97 4.57 -6.00
N ILE A 245 5.49 4.66 -7.23
CA ILE A 245 4.31 5.39 -7.66
C ILE A 245 3.45 4.40 -8.46
N HIS A 246 2.22 4.20 -8.02
CA HIS A 246 1.26 3.45 -8.80
C HIS A 246 0.96 4.28 -10.09
N SER A 247 0.95 3.58 -11.23
CA SER A 247 0.74 4.22 -12.53
C SER A 247 -0.51 5.12 -12.54
N GLY A 248 -1.57 4.65 -11.86
CA GLY A 248 -2.84 5.33 -11.74
C GLY A 248 -2.69 6.59 -10.90
N GLU A 249 -1.97 6.44 -9.78
CA GLU A 249 -1.65 7.54 -8.84
C GLU A 249 -0.73 8.65 -9.38
N TYR A 250 0.14 8.29 -10.32
CA TYR A 250 1.08 9.23 -10.93
C TYR A 250 0.46 10.60 -11.30
N PHE A 251 -0.69 10.55 -11.95
CA PHE A 251 -1.33 11.77 -12.49
C PHE A 251 -2.10 12.58 -11.45
N HIS A 252 -1.99 12.22 -10.17
CA HIS A 252 -2.73 12.90 -9.08
C HIS A 252 -1.80 13.45 -7.97
N GLY A 253 -0.59 13.81 -8.38
CA GLY A 253 0.33 14.55 -7.55
C GLY A 253 1.75 14.32 -8.01
N PRO A 254 2.23 13.07 -7.93
CA PRO A 254 3.60 12.74 -8.25
C PRO A 254 4.15 13.26 -9.56
N PHE A 255 3.38 13.20 -10.63
CA PHE A 255 3.88 13.57 -11.97
C PHE A 255 4.41 15.01 -12.06
N GLU A 256 4.01 15.87 -11.11
CA GLU A 256 4.51 17.24 -11.05
C GLU A 256 6.02 17.30 -10.87
N ILE A 257 6.61 16.20 -10.40
CA ILE A 257 8.07 16.12 -10.25
C ILE A 257 8.82 15.99 -11.60
N THR A 258 8.11 15.51 -12.63
CA THR A 258 8.69 15.17 -13.91
C THR A 258 9.23 16.38 -14.63
N GLU A 259 10.48 16.26 -15.05
CA GLU A 259 11.10 17.24 -15.94
C GLU A 259 12.08 16.46 -16.80
N PRO A 260 12.68 17.10 -17.82
CA PRO A 260 13.63 16.36 -18.64
C PRO A 260 14.65 15.59 -17.82
N GLY A 261 14.70 14.27 -17.98
CA GLY A 261 15.72 13.48 -17.34
C GLY A 261 15.35 12.85 -16.00
N THR A 262 14.14 13.12 -15.49
CA THR A 262 13.68 12.52 -14.26
C THR A 262 13.57 11.02 -14.48
N PRO A 263 14.29 10.23 -13.68
CA PRO A 263 14.33 8.77 -13.96
C PRO A 263 13.14 7.98 -13.43
N PHE A 264 12.49 7.25 -14.34
CA PHE A 264 11.40 6.33 -14.03
C PHE A 264 11.72 4.96 -14.63
N ILE A 265 11.55 3.92 -13.82
CA ILE A 265 11.52 2.56 -14.30
C ILE A 265 10.05 2.10 -14.16
N LEU A 266 9.41 1.85 -15.30
CA LEU A 266 8.03 1.37 -15.38
C LEU A 266 8.05 -0.11 -15.64
N LEU A 267 7.43 -0.85 -14.74
CA LEU A 267 7.20 -2.28 -14.90
C LEU A 267 5.80 -2.45 -15.43
N GLN A 268 5.69 -2.47 -16.75
CA GLN A 268 4.42 -2.53 -17.47
C GLN A 268 3.85 -3.96 -17.47
N SER A 269 2.53 -4.02 -17.32
CA SER A 269 1.80 -5.28 -17.21
C SER A 269 1.05 -5.59 -18.49
N SER A 270 0.75 -6.87 -18.66
CA SER A 270 -0.26 -7.31 -19.59
C SER A 270 -1.62 -7.15 -18.93
N GLY A 271 -2.66 -7.39 -19.71
CA GLY A 271 -3.97 -7.49 -19.17
C GLY A 271 -4.57 -6.16 -18.77
N ARG A 272 -5.42 -6.21 -17.76
CA ARG A 272 -6.43 -5.14 -17.55
C ARG A 272 -5.92 -3.74 -17.19
N THR A 273 -4.79 -3.66 -16.46
CA THR A 273 -4.27 -2.37 -16.00
C THR A 273 -3.26 -1.75 -16.98
N ARG A 274 -2.96 -2.46 -18.06
CA ARG A 274 -2.04 -1.93 -19.07
C ARG A 274 -2.32 -0.50 -19.54
N PRO A 275 -3.60 -0.17 -19.79
CA PRO A 275 -3.87 1.24 -20.19
C PRO A 275 -3.44 2.30 -19.16
N LEU A 276 -3.41 1.92 -17.88
CA LEU A 276 -2.86 2.79 -16.85
C LEU A 276 -1.40 3.09 -17.14
N ASP A 277 -0.69 2.02 -17.49
CA ASP A 277 0.74 2.07 -17.79
C ASP A 277 1.02 2.86 -19.08
N ASP A 278 0.23 2.61 -20.13
CA ASP A 278 0.38 3.32 -21.41
C ASP A 278 0.12 4.81 -21.27
N ARG A 279 -0.83 5.17 -20.42
CA ARG A 279 -1.10 6.58 -20.11
C ARG A 279 0.15 7.30 -19.52
N ALA A 280 0.83 6.61 -18.61
CA ALA A 280 2.04 7.10 -17.98
C ALA A 280 3.19 7.23 -19.00
N ILE A 281 3.33 6.23 -19.87
CA ILE A 281 4.40 6.18 -20.86
C ILE A 281 4.29 7.40 -21.79
N ARG A 282 3.11 7.65 -22.33
CA ARG A 282 2.88 8.78 -23.21
C ARG A 282 3.28 10.09 -22.55
N PHE A 283 2.90 10.26 -21.30
CA PHE A 283 3.21 11.48 -20.58
C PHE A 283 4.71 11.61 -20.26
N ILE A 284 5.30 10.56 -19.68
CA ILE A 284 6.74 10.56 -19.37
C ILE A 284 7.59 10.85 -20.64
N GLU A 285 7.19 10.31 -21.78
CA GLU A 285 7.89 10.57 -23.05
C GLU A 285 7.62 11.97 -23.60
N ARG A 286 6.39 12.46 -23.44
CA ARG A 286 6.05 13.82 -23.86
C ARG A 286 6.89 14.84 -23.07
N TYR A 287 7.27 14.51 -21.85
CA TYR A 287 8.02 15.46 -21.03
C TYR A 287 9.48 15.06 -20.83
N GLN A 288 9.93 14.16 -21.71
CA GLN A 288 11.31 13.75 -21.80
C GLN A 288 11.87 13.26 -20.47
N GLY A 289 11.07 12.50 -19.73
CA GLY A 289 11.61 11.77 -18.62
C GLY A 289 12.57 10.72 -19.11
N LYS A 290 13.47 10.31 -18.20
CA LYS A 290 14.39 9.21 -18.45
C LYS A 290 13.70 7.93 -18.12
N LEU A 291 13.15 7.28 -19.15
CA LEU A 291 12.29 6.13 -18.93
C LEU A 291 13.01 4.83 -19.31
N GLN A 292 13.06 3.89 -18.37
CA GLN A 292 13.39 2.49 -18.66
C GLN A 292 12.06 1.75 -18.59
N LEU A 293 11.63 1.26 -19.74
CA LEU A 293 10.43 0.45 -19.81
C LEU A 293 10.81 -1.02 -19.73
N ILE A 294 10.17 -1.77 -18.83
CA ILE A 294 10.28 -3.23 -18.82
C ILE A 294 8.87 -3.78 -18.97
N ASP A 295 8.58 -4.37 -20.14
CA ASP A 295 7.21 -4.74 -20.50
C ASP A 295 7.02 -6.24 -20.40
N ALA A 296 6.10 -6.68 -19.52
CA ALA A 296 5.84 -8.13 -19.38
C ALA A 296 5.44 -8.77 -20.71
N ASP A 297 4.57 -8.08 -21.47
CA ASP A 297 4.08 -8.59 -22.76
C ASP A 297 5.15 -8.85 -23.81
N LYS A 298 6.24 -8.11 -23.76
CA LYS A 298 7.37 -8.31 -24.67
C LYS A 298 8.24 -9.46 -24.21
N LEU A 299 8.19 -9.79 -22.94
CA LEU A 299 9.07 -10.81 -22.38
C LEU A 299 8.35 -12.15 -22.20
N GLY A 300 7.22 -12.33 -22.89
CA GLY A 300 6.62 -13.66 -23.03
C GLY A 300 5.55 -14.04 -22.01
N ILE A 301 4.86 -13.05 -21.47
CA ILE A 301 3.68 -13.33 -20.67
C ILE A 301 2.59 -13.97 -21.51
N GLN A 302 2.50 -13.62 -22.82
CA GLN A 302 1.47 -14.20 -23.68
C GLN A 302 1.72 -15.68 -23.91
N ASP A 303 2.98 -16.09 -23.79
CA ASP A 303 3.35 -17.51 -23.83
C ASP A 303 2.93 -18.30 -22.61
N LEU A 304 2.70 -17.65 -21.47
CA LEU A 304 2.19 -18.36 -20.30
C LEU A 304 0.72 -18.76 -20.49
N SER A 305 -0.07 -17.81 -20.97
CA SER A 305 -1.51 -17.99 -21.07
C SER A 305 -2.07 -16.71 -21.64
N THR A 306 -2.94 -16.85 -22.62
CA THR A 306 -3.70 -15.73 -23.13
C THR A 306 -4.88 -15.40 -22.18
N ASP A 307 -5.15 -16.29 -21.21
CA ASP A 307 -6.28 -16.16 -20.29
C ASP A 307 -5.91 -15.45 -18.98
N VAL A 308 -4.90 -16.00 -18.29
CA VAL A 308 -4.62 -15.66 -16.87
C VAL A 308 -3.18 -15.22 -16.63
N GLY A 309 -2.46 -14.94 -17.72
CA GLY A 309 -1.07 -14.53 -17.65
C GLY A 309 -0.84 -13.18 -16.98
N GLU A 310 -1.89 -12.37 -16.87
CA GLU A 310 -1.83 -11.11 -16.14
C GLU A 310 -1.35 -11.37 -14.73
N TYR A 311 -1.82 -12.46 -14.12
CA TYR A 311 -1.48 -12.76 -12.71
C TYR A 311 -0.01 -13.11 -12.46
N PHE A 312 0.77 -13.34 -13.52
CA PHE A 312 2.21 -13.70 -13.38
C PHE A 312 3.14 -12.54 -13.66
N CYS A 313 2.59 -11.38 -14.02
CA CYS A 313 3.40 -10.20 -14.36
C CYS A 313 4.36 -9.80 -13.24
N GLY A 314 3.90 -9.80 -11.99
CA GLY A 314 4.76 -9.39 -10.88
C GLY A 314 5.91 -10.36 -10.71
N LEU A 315 5.60 -11.65 -10.71
CA LEU A 315 6.59 -12.70 -10.63
C LEU A 315 7.63 -12.64 -11.74
N LEU A 316 7.17 -12.40 -12.96
CA LEU A 316 8.13 -12.24 -14.05
C LEU A 316 9.05 -11.02 -13.87
N HIS A 317 8.47 -9.86 -13.49
CA HIS A 317 9.30 -8.67 -13.28
C HIS A 317 10.35 -8.93 -12.20
N ASN A 318 9.97 -9.54 -11.07
CA ASN A 318 10.94 -9.84 -10.00
C ASN A 318 12.16 -10.56 -10.61
N CYS A 319 11.92 -11.54 -11.46
CA CYS A 319 12.99 -12.31 -12.09
C CYS A 319 13.80 -11.53 -13.13
N VAL A 320 13.12 -10.79 -13.99
CA VAL A 320 13.79 -10.06 -15.07
C VAL A 320 14.68 -8.96 -14.47
N LEU A 321 14.20 -8.34 -13.39
CA LEU A 321 14.93 -7.29 -12.68
C LEU A 321 16.27 -7.75 -12.12
N ASP A 322 16.40 -9.03 -11.76
CA ASP A 322 17.69 -9.58 -11.28
C ASP A 322 18.80 -9.24 -12.24
N VAL A 323 18.47 -9.24 -13.54
CA VAL A 323 19.46 -9.00 -14.60
C VAL A 323 19.86 -7.53 -14.59
N TYR A 324 18.86 -6.63 -14.57
CA TYR A 324 19.15 -5.21 -14.53
C TYR A 324 19.90 -4.84 -13.25
N ASN A 325 19.47 -5.41 -12.12
CA ASN A 325 20.10 -5.15 -10.82
C ASN A 325 21.58 -5.51 -10.71
N LEU A 326 21.96 -6.64 -11.28
CA LEU A 326 23.37 -7.03 -11.34
C LEU A 326 24.14 -6.09 -12.29
N ALA A 327 23.61 -5.87 -13.47
CA ALA A 327 24.24 -4.93 -14.40
C ALA A 327 24.47 -3.55 -13.77
N LEU A 328 23.49 -3.03 -13.03
CA LEU A 328 23.59 -1.71 -12.41
C LEU A 328 24.62 -1.72 -11.29
N ALA A 329 24.53 -2.73 -10.44
CA ALA A 329 25.46 -2.90 -9.31
C ALA A 329 26.91 -2.97 -9.79
N THR A 330 27.16 -3.68 -10.88
CA THR A 330 28.54 -3.77 -11.42
C THR A 330 28.97 -2.41 -11.97
N ALA A 331 28.12 -1.77 -12.79
CA ALA A 331 28.41 -0.42 -13.32
C ALA A 331 28.68 0.60 -12.23
N ARG A 332 28.00 0.46 -11.09
CA ARG A 332 28.16 1.40 -9.99
C ARG A 332 29.22 1.00 -8.97
N ASN A 333 29.89 -0.13 -9.16
CA ASN A 333 30.86 -0.62 -8.19
C ASN A 333 30.28 -0.71 -6.78
N HIS A 334 29.02 -1.18 -6.71
CA HIS A 334 28.28 -1.31 -5.49
C HIS A 334 27.59 -2.71 -5.49
N PRO A 335 28.28 -3.73 -4.96
CA PRO A 335 27.63 -5.06 -4.91
C PRO A 335 26.27 -5.06 -4.19
N LEU A 336 25.39 -5.94 -4.63
CA LEU A 336 24.02 -5.98 -4.12
C LEU A 336 24.02 -6.40 -2.63
N THR A 337 25.09 -7.04 -2.19
CA THR A 337 25.24 -7.49 -0.82
C THR A 337 25.81 -6.39 0.10
N THR A 338 26.13 -5.21 -0.42
CA THR A 338 26.56 -4.07 0.41
C THR A 338 25.49 -3.66 1.43
N ARG A 339 25.86 -3.62 2.72
CA ARG A 339 25.05 -3.00 3.78
C ARG A 339 25.90 -2.15 4.74
N ARG A 340 25.38 -1.02 5.20
CA ARG A 340 26.01 -0.34 6.33
C ARG A 340 25.26 -0.57 7.64
N TYR A 341 24.04 -1.07 7.58
CA TYR A 341 23.28 -1.30 8.81
C TYR A 341 22.83 -2.72 8.99
N TRP A 343 22.51 -6.51 9.25
CA TRP A 343 23.46 -7.53 9.67
C TRP A 343 24.76 -6.92 10.18
N LYS A 344 24.73 -5.68 10.66
CA LYS A 344 25.95 -4.95 11.04
C LYS A 344 25.86 -4.19 12.36
N VAL A 345 24.70 -3.61 12.64
CA VAL A 345 24.47 -2.82 13.86
C VAL A 345 23.15 -3.28 14.45
N GLU A 346 22.88 -2.91 15.70
CA GLU A 346 21.63 -3.27 16.36
C GLU A 346 20.62 -2.16 16.06
N TYR A 347 19.37 -2.52 15.83
CA TYR A 347 18.30 -1.52 15.56
C TYR A 347 16.94 -2.12 15.86
N SER B 21 -23.34 16.91 15.50
CA SER B 21 -22.59 17.49 14.39
C SER B 21 -23.37 17.27 13.07
N VAL B 22 -23.38 18.26 12.19
CA VAL B 22 -23.91 18.06 10.84
C VAL B 22 -23.21 16.90 10.13
N ALA B 23 -21.88 16.76 10.29
CA ALA B 23 -21.13 15.63 9.71
C ALA B 23 -21.57 14.28 10.27
N HIS B 24 -21.71 14.24 11.59
CA HIS B 24 -22.30 13.11 12.31
C HIS B 24 -23.72 12.76 11.78
N GLU B 25 -24.63 13.74 11.75
CA GLU B 25 -26.00 13.47 11.27
C GLU B 25 -26.03 13.05 9.79
N ASN B 26 -25.18 13.64 8.97
CA ASN B 26 -25.05 13.25 7.57
C ASN B 26 -24.65 11.78 7.42
N ALA B 27 -23.59 11.38 8.13
CA ALA B 27 -23.08 10.00 8.08
C ALA B 27 -24.11 9.00 8.64
N ARG B 28 -24.75 9.36 9.75
CA ARG B 28 -25.77 8.51 10.39
CA ARG B 28 -25.76 8.51 10.39
C ARG B 28 -26.94 8.26 9.44
N ARG B 29 -27.52 9.36 8.93
CA ARG B 29 -28.62 9.27 7.97
C ARG B 29 -28.24 8.44 6.72
N ILE B 30 -27.07 8.67 6.14
CA ILE B 30 -26.64 7.93 4.93
C ILE B 30 -26.58 6.42 5.19
N ILE B 31 -25.91 6.02 6.26
CA ILE B 31 -25.69 4.60 6.50
C ILE B 31 -26.96 3.88 6.95
N SER B 32 -27.86 4.57 7.68
CA SER B 32 -29.14 3.92 8.06
C SER B 32 -30.01 3.70 6.84
N ASP B 33 -30.03 4.67 5.93
CA ASP B 33 -30.75 4.54 4.66
C ASP B 33 -30.27 3.35 3.83
N ILE B 34 -28.96 3.22 3.68
CA ILE B 34 -28.39 2.10 2.95
C ILE B 34 -28.79 0.76 3.63
N LEU B 35 -28.72 0.71 4.95
CA LEU B 35 -28.93 -0.55 5.68
C LEU B 35 -30.41 -0.96 5.69
N GLY B 36 -31.30 0.00 5.40
CA GLY B 36 -32.72 -0.30 5.14
C GLY B 36 -32.99 -0.94 3.78
N LYS B 37 -31.95 -1.00 2.92
CA LYS B 37 -32.10 -1.46 1.54
C LYS B 37 -31.18 -2.64 1.19
N GLN B 38 -30.09 -2.81 1.94
CA GLN B 38 -29.14 -3.86 1.68
C GLN B 38 -28.40 -4.12 2.96
N ASN B 39 -27.55 -5.14 2.96
CA ASN B 39 -26.56 -5.23 4.00
C ASN B 39 -25.27 -4.54 3.54
N ILE B 40 -24.40 -4.31 4.50
CA ILE B 40 -23.07 -3.76 4.26
C ILE B 40 -22.10 -4.86 4.65
N GLU B 41 -21.74 -5.70 3.71
CA GLU B 41 -20.72 -6.73 3.93
C GLU B 41 -19.30 -6.31 3.56
N ARG B 42 -19.19 -5.36 2.64
CA ARG B 42 -17.91 -4.93 2.12
C ARG B 42 -17.95 -3.46 1.85
N VAL B 43 -16.84 -2.80 2.15
CA VAL B 43 -16.65 -1.39 1.91
C VAL B 43 -15.40 -1.28 1.05
N TRP B 44 -15.47 -0.45 0.02
CA TRP B 44 -14.27 0.03 -0.64
C TRP B 44 -14.18 1.55 -0.53
N PHE B 45 -12.97 1.99 -0.25
CA PHE B 45 -12.60 3.38 -0.33
C PHE B 45 -11.88 3.56 -1.68
N VAL B 46 -12.40 4.45 -2.53
CA VAL B 46 -11.89 4.58 -3.91
C VAL B 46 -11.70 6.06 -4.24
N GLY B 47 -10.51 6.40 -4.72
CA GLY B 47 -10.17 7.77 -5.09
C GLY B 47 -8.78 7.81 -5.70
N CYS B 48 -8.32 9.01 -5.96
CA CYS B 48 -6.98 9.24 -6.47
C CYS B 48 -6.25 10.24 -5.63
N GLY B 49 -5.02 9.87 -5.31
CA GLY B 49 -4.08 10.75 -4.61
C GLY B 49 -4.59 11.07 -3.24
N GLY B 50 -4.73 12.35 -2.97
CA GLY B 50 -5.25 12.80 -1.71
C GLY B 50 -6.71 12.46 -1.49
N SER B 51 -7.44 12.14 -2.55
CA SER B 51 -8.84 11.68 -2.42
C SER B 51 -8.93 10.19 -2.11
N LEU B 52 -7.78 9.51 -2.15
CA LEU B 52 -7.62 8.17 -1.61
C LEU B 52 -7.04 8.19 -0.18
N THR B 53 -5.93 8.89 0.01
CA THR B 53 -5.33 9.05 1.37
C THR B 53 -6.26 9.66 2.42
N GLY B 54 -7.18 10.51 1.94
CA GLY B 54 -8.25 11.02 2.79
C GLY B 54 -9.10 9.94 3.47
N PHE B 55 -9.11 8.75 2.91
CA PHE B 55 -9.86 7.62 3.50
C PHE B 55 -9.09 6.80 4.53
N TRP B 56 -7.80 7.06 4.70
CA TRP B 56 -7.01 6.30 5.66
C TRP B 56 -7.58 6.24 7.08
N PRO B 57 -8.06 7.37 7.59
CA PRO B 57 -8.63 7.34 8.94
C PRO B 57 -9.77 6.31 9.18
N GLY B 58 -10.74 6.27 8.28
CA GLY B 58 -11.81 5.26 8.34
C GLY B 58 -11.32 3.87 8.03
N LYS B 59 -10.51 3.73 6.98
CA LYS B 59 -9.91 2.42 6.67
C LYS B 59 -9.19 1.82 7.86
N TYR B 60 -8.30 2.59 8.48
CA TYR B 60 -7.53 2.11 9.62
C TYR B 60 -8.45 1.69 10.77
N PHE B 61 -9.43 2.54 11.06
CA PHE B 61 -10.43 2.29 12.12
C PHE B 61 -11.15 0.97 11.92
N LEU B 62 -11.67 0.79 10.70
CA LEU B 62 -12.35 -0.47 10.32
C LEU B 62 -11.40 -1.66 10.37
N ASP B 63 -10.17 -1.50 9.89
CA ASP B 63 -9.23 -2.61 9.92
C ASP B 63 -8.98 -3.05 11.36
N CYS B 64 -8.94 -2.11 12.29
CA CYS B 64 -8.73 -2.37 13.71
C CYS B 64 -9.98 -2.91 14.39
N GLU B 65 -11.13 -2.30 14.08
CA GLU B 65 -12.31 -2.46 14.93
C GLU B 65 -13.41 -3.38 14.37
N ALA B 66 -13.55 -3.48 13.04
CA ALA B 66 -14.61 -4.29 12.42
C ALA B 66 -14.17 -5.76 12.19
N SER B 67 -14.93 -6.71 12.76
CA SER B 67 -14.66 -8.14 12.67
C SER B 67 -15.24 -8.87 11.45
N LYS B 68 -16.28 -8.34 10.82
CA LYS B 68 -16.93 -9.05 9.73
C LYS B 68 -16.84 -8.34 8.38
N LEU B 69 -16.55 -7.06 8.42
CA LEU B 69 -16.46 -6.24 7.22
C LEU B 69 -15.17 -6.54 6.43
N ALA B 70 -15.27 -6.60 5.12
CA ALA B 70 -14.12 -6.64 4.23
C ALA B 70 -13.94 -5.21 3.73
N VAL B 71 -12.71 -4.72 3.84
CA VAL B 71 -12.46 -3.31 3.61
C VAL B 71 -11.37 -3.18 2.54
N GLY B 72 -11.72 -2.51 1.45
CA GLY B 72 -10.81 -2.25 0.33
C GLY B 72 -10.47 -0.78 0.19
N TYR B 73 -9.36 -0.53 -0.49
CA TYR B 73 -8.71 0.79 -0.51
C TYR B 73 -7.94 0.80 -1.80
N ILE B 74 -8.45 1.49 -2.81
CA ILE B 74 -8.00 1.31 -4.15
C ILE B 74 -8.03 2.58 -5.01
N THR B 75 -6.95 2.83 -5.76
CA THR B 75 -6.93 3.92 -6.70
C THR B 75 -7.97 3.74 -7.83
N SER B 76 -8.63 4.83 -8.17
CA SER B 76 -9.86 4.80 -8.97
C SER B 76 -9.74 4.05 -10.30
N ASN B 77 -8.68 4.31 -11.04
CA ASN B 77 -8.58 3.75 -12.39
C ASN B 77 -8.23 2.25 -12.41
N GLU B 78 -7.63 1.79 -11.32
CA GLU B 78 -7.43 0.35 -11.16
C GLU B 78 -8.73 -0.39 -10.78
N PHE B 79 -9.54 0.23 -9.93
CA PHE B 79 -10.89 -0.26 -9.59
C PHE B 79 -11.77 -0.36 -10.84
N VAL B 80 -11.64 0.62 -11.72
CA VAL B 80 -12.32 0.60 -13.01
C VAL B 80 -11.81 -0.53 -13.94
N HIS B 81 -10.48 -0.66 -14.07
CA HIS B 81 -9.93 -1.54 -15.10
C HIS B 81 -9.87 -2.99 -14.62
N ALA B 82 -9.66 -3.23 -13.35
CA ALA B 82 -9.60 -4.61 -12.85
C ALA B 82 -10.52 -4.66 -11.64
N THR B 83 -11.83 -4.74 -11.90
CA THR B 83 -12.83 -4.59 -10.84
C THR B 83 -12.89 -5.87 -10.04
N PRO B 84 -12.81 -5.77 -8.68
CA PRO B 84 -12.92 -7.00 -7.89
C PRO B 84 -14.22 -7.72 -8.18
N LYS B 85 -14.15 -9.04 -8.40
CA LYS B 85 -15.37 -9.86 -8.48
C LYS B 85 -16.22 -9.79 -7.20
N ALA B 86 -15.60 -9.51 -6.06
CA ALA B 86 -16.32 -9.38 -4.77
C ALA B 86 -17.35 -8.23 -4.74
N LEU B 87 -17.22 -7.23 -5.65
CA LEU B 87 -18.10 -6.04 -5.69
C LEU B 87 -19.52 -6.48 -6.09
N GLY B 88 -20.52 -6.03 -5.34
CA GLY B 88 -21.87 -6.48 -5.57
C GLY B 88 -22.90 -5.80 -4.69
N LYS B 89 -24.06 -6.44 -4.54
CA LYS B 89 -25.27 -5.83 -4.00
C LYS B 89 -25.19 -5.36 -2.54
N ASN B 90 -24.41 -6.07 -1.74
CA ASN B 90 -24.19 -5.71 -0.34
C ASN B 90 -22.79 -5.07 -0.09
N SER B 91 -22.30 -4.36 -1.10
CA SER B 91 -21.07 -3.56 -1.02
C SER B 91 -21.49 -2.08 -0.93
N VAL B 92 -20.67 -1.26 -0.26
CA VAL B 92 -20.76 0.20 -0.33
C VAL B 92 -19.44 0.70 -0.88
N VAL B 93 -19.48 1.53 -1.91
CA VAL B 93 -18.26 2.13 -2.44
C VAL B 93 -18.27 3.62 -2.13
N ILE B 94 -17.22 4.08 -1.44
CA ILE B 94 -17.11 5.45 -0.96
C ILE B 94 -16.01 6.15 -1.77
N LEU B 95 -16.37 7.24 -2.43
CA LEU B 95 -15.47 7.94 -3.34
C LEU B 95 -15.36 9.43 -2.95
N ALA B 96 -14.23 10.03 -3.31
CA ALA B 96 -14.04 11.42 -3.05
C ALA B 96 -13.41 12.04 -4.28
N SER B 97 -13.68 13.33 -4.48
CA SER B 97 -13.05 14.07 -5.57
C SER B 97 -12.61 15.48 -5.17
N THR B 102 -11.92 14.55 -11.92
CA THR B 102 -11.22 13.27 -12.07
C THR B 102 -12.12 12.21 -12.73
N ALA B 103 -11.99 12.07 -14.04
CA ALA B 103 -12.87 11.20 -14.82
C ALA B 103 -12.82 9.74 -14.35
N GLU B 104 -11.69 9.30 -13.80
CA GLU B 104 -11.57 7.90 -13.41
C GLU B 104 -12.29 7.58 -12.09
N THR B 105 -12.44 8.58 -11.22
CA THR B 105 -13.25 8.42 -10.01
C THR B 105 -14.74 8.46 -10.32
N VAL B 106 -15.15 9.31 -11.26
CA VAL B 106 -16.48 9.24 -11.86
C VAL B 106 -16.75 7.83 -12.44
N ALA B 107 -15.87 7.35 -13.33
CA ALA B 107 -15.97 6.00 -13.91
C ALA B 107 -16.05 4.91 -12.82
N ALA B 108 -15.34 5.08 -11.71
CA ALA B 108 -15.34 4.07 -10.64
C ALA B 108 -16.71 4.04 -9.94
N ALA B 109 -17.32 5.21 -9.76
CA ALA B 109 -18.69 5.35 -9.23
C ALA B 109 -19.73 4.67 -10.15
N ARG B 110 -19.64 4.97 -11.44
CA ARG B 110 -20.44 4.29 -12.47
C ARG B 110 -20.34 2.76 -12.40
N VAL B 111 -19.12 2.24 -12.41
CA VAL B 111 -18.86 0.77 -12.26
C VAL B 111 -19.50 0.21 -10.98
N ALA B 112 -19.30 0.89 -9.86
CA ALA B 112 -19.85 0.49 -8.56
C ALA B 112 -21.35 0.33 -8.61
N ARG B 113 -22.01 1.41 -9.04
CA ARG B 113 -23.46 1.40 -9.22
C ARG B 113 -23.89 0.29 -10.20
N GLU B 114 -23.26 0.24 -11.37
CA GLU B 114 -23.57 -0.79 -12.38
C GLU B 114 -23.48 -2.20 -11.81
N LYS B 115 -22.64 -2.40 -10.80
CA LYS B 115 -22.48 -3.69 -10.11
C LYS B 115 -23.50 -3.92 -8.99
N GLY B 116 -24.31 -2.91 -8.65
CA GLY B 116 -25.30 -3.02 -7.58
C GLY B 116 -24.83 -2.52 -6.22
N ALA B 117 -23.64 -1.97 -6.15
CA ALA B 117 -23.14 -1.40 -4.91
C ALA B 117 -23.77 -0.01 -4.68
N ALA B 118 -24.02 0.32 -3.40
CA ALA B 118 -24.40 1.69 -3.01
C ALA B 118 -23.17 2.56 -3.11
N THR B 119 -23.37 3.82 -3.53
CA THR B 119 -22.26 4.75 -3.68
C THR B 119 -22.40 6.01 -2.80
N ILE B 120 -21.30 6.36 -2.13
CA ILE B 120 -21.21 7.62 -1.38
C ILE B 120 -20.10 8.46 -2.02
N GLY B 121 -20.47 9.67 -2.42
CA GLY B 121 -19.55 10.62 -3.03
C GLY B 121 -19.28 11.79 -2.11
N LEU B 122 -17.99 11.99 -1.80
CA LEU B 122 -17.52 13.17 -1.09
C LEU B 122 -17.07 14.22 -2.12
N VAL B 123 -17.68 15.40 -2.04
CA VAL B 123 -17.42 16.46 -2.99
C VAL B 123 -17.24 17.79 -2.26
N TYR B 124 -16.43 18.66 -2.86
CA TYR B 124 -16.30 20.05 -2.39
C TYR B 124 -17.36 20.96 -3.01
N GLN B 125 -17.48 20.92 -4.35
CA GLN B 125 -18.55 21.64 -5.05
C GLN B 125 -19.67 20.68 -5.47
N PRO B 126 -20.93 21.16 -5.42
CA PRO B 126 -22.08 20.39 -5.87
C PRO B 126 -22.25 20.41 -7.40
N ASP B 127 -23.13 19.55 -7.89
CA ASP B 127 -23.39 19.40 -9.33
C ASP B 127 -22.16 18.96 -10.15
N THR B 128 -21.07 18.58 -9.47
CA THR B 128 -19.86 18.16 -10.17
C THR B 128 -19.99 16.69 -10.62
N PRO B 129 -19.18 16.26 -11.59
CA PRO B 129 -19.44 14.99 -12.31
C PRO B 129 -19.65 13.75 -11.45
N LEU B 130 -18.99 13.65 -10.30
CA LEU B 130 -19.08 12.47 -9.43
C LEU B 130 -20.50 12.30 -8.88
N CYS B 131 -21.17 13.43 -8.69
CA CYS B 131 -22.56 13.45 -8.21
C CYS B 131 -23.52 12.54 -8.99
N GLU B 132 -23.28 12.42 -10.30
CA GLU B 132 -24.18 11.67 -11.18
C GLU B 132 -24.25 10.19 -10.80
N TYR B 133 -23.17 9.63 -10.28
CA TYR B 133 -23.15 8.19 -9.99
C TYR B 133 -23.11 7.89 -8.50
N SER B 134 -23.33 8.94 -7.70
CA SER B 134 -23.32 8.85 -6.23
C SER B 134 -24.74 8.81 -5.65
N ASP B 135 -25.11 7.69 -5.04
CA ASP B 135 -26.44 7.55 -4.38
C ASP B 135 -26.62 8.54 -3.23
N TYR B 136 -25.52 8.87 -2.56
CA TYR B 136 -25.52 9.87 -1.53
C TYR B 136 -24.27 10.73 -1.76
N ILE B 137 -24.46 12.03 -1.59
CA ILE B 137 -23.43 13.03 -1.84
C ILE B 137 -23.23 13.77 -0.52
N ILE B 138 -21.98 13.88 -0.10
CA ILE B 138 -21.59 14.64 1.09
C ILE B 138 -20.74 15.78 0.63
N GLU B 139 -21.26 17.00 0.81
CA GLU B 139 -20.52 18.21 0.50
C GLU B 139 -19.64 18.53 1.72
N TYR B 140 -18.38 18.10 1.66
CA TYR B 140 -17.41 18.36 2.75
C TYR B 140 -16.92 19.80 2.76
N GLN B 141 -16.26 20.15 3.84
CA GLN B 141 -15.72 21.49 4.00
C GLN B 141 -14.24 21.52 3.70
N TRP B 142 -13.79 22.56 3.01
CA TRP B 142 -12.39 22.78 2.75
C TRP B 142 -12.07 24.29 2.63
N ALA B 143 -10.92 24.69 3.16
CA ALA B 143 -10.35 25.99 2.85
C ALA B 143 -8.83 25.94 2.79
N ARG B 144 -8.27 26.89 2.06
CA ARG B 144 -6.83 27.06 1.93
C ARG B 144 -6.27 27.72 3.18
N TYR B 145 -5.52 26.96 3.98
CA TYR B 145 -4.81 27.51 5.13
C TYR B 145 -4.05 28.79 4.74
N PRO B 146 -4.09 29.84 5.58
CA PRO B 146 -4.62 29.97 6.96
C PRO B 146 -6.14 30.05 7.16
N GLU B 147 -6.92 30.16 6.10
CA GLU B 147 -8.36 30.05 6.24
C GLU B 147 -8.69 28.62 6.69
N THR B 148 -9.56 28.51 7.69
CA THR B 148 -9.94 27.23 8.25
C THR B 148 -11.46 27.01 8.23
N VAL B 149 -11.80 25.76 8.50
CA VAL B 149 -13.13 25.25 8.29
C VAL B 149 -13.34 24.30 9.45
N ASP B 150 -14.55 23.80 9.65
CA ASP B 150 -14.79 22.84 10.73
C ASP B 150 -13.99 21.56 10.42
N PRO B 151 -13.01 21.20 11.28
CA PRO B 151 -12.28 19.94 11.08
C PRO B 151 -13.18 18.72 10.97
N ALA B 152 -14.29 18.70 11.71
CA ALA B 152 -15.22 17.55 11.68
C ALA B 152 -15.94 17.34 10.33
N GLN B 153 -15.94 18.37 9.48
CA GLN B 153 -16.60 18.29 8.18
C GLN B 153 -15.60 18.19 7.03
N GLN B 154 -14.32 18.02 7.37
CA GLN B 154 -13.34 17.92 6.30
C GLN B 154 -13.39 16.52 5.69
N LYS B 155 -12.85 16.41 4.48
CA LYS B 155 -12.95 15.22 3.67
C LYS B 155 -12.50 13.97 4.43
N ALA B 156 -11.28 14.01 4.98
CA ALA B 156 -10.73 12.90 5.74
C ALA B 156 -11.49 12.58 7.03
N ALA B 157 -12.08 13.59 7.67
CA ALA B 157 -12.94 13.37 8.87
C ALA B 157 -14.15 12.49 8.54
N TYR B 158 -14.78 12.76 7.40
CA TYR B 158 -15.94 12.00 6.98
C TYR B 158 -15.60 10.52 6.77
N SER B 159 -14.34 10.20 6.44
CA SER B 159 -13.93 8.80 6.33
C SER B 159 -14.13 8.11 7.68
N LEU B 160 -13.80 8.80 8.78
CA LEU B 160 -13.94 8.25 10.12
C LEU B 160 -15.41 8.25 10.57
N TRP B 161 -16.15 9.32 10.26
CA TRP B 161 -17.60 9.37 10.57
C TRP B 161 -18.31 8.21 9.91
N LEU B 162 -18.10 8.05 8.60
CA LEU B 162 -18.75 7.03 7.82
C LEU B 162 -18.40 5.60 8.32
N ALA B 163 -17.16 5.41 8.71
CA ALA B 163 -16.64 4.16 9.25
C ALA B 163 -17.24 3.88 10.62
N LEU B 164 -17.30 4.90 11.48
CA LEU B 164 -17.94 4.79 12.79
C LEU B 164 -19.35 4.20 12.63
N GLU B 165 -20.10 4.78 11.67
CA GLU B 165 -21.52 4.46 11.48
C GLU B 165 -21.72 3.12 10.80
N ILE B 166 -20.86 2.77 9.83
CA ILE B 166 -20.93 1.44 9.22
C ILE B 166 -20.80 0.38 10.33
N LEU B 167 -19.76 0.52 11.14
CA LEU B 167 -19.50 -0.40 12.24
C LEU B 167 -20.60 -0.37 13.29
N ALA B 168 -20.99 0.83 13.74
CA ALA B 168 -21.99 0.96 14.80
C ALA B 168 -23.33 0.37 14.37
N GLN B 169 -23.75 0.66 13.13
CA GLN B 169 -25.08 0.24 12.67
C GLN B 169 -25.14 -1.20 12.23
N THR B 170 -23.98 -1.87 12.10
CA THR B 170 -23.95 -3.29 11.68
C THR B 170 -23.53 -4.17 12.86
N GLU B 171 -22.25 -4.16 13.20
CA GLU B 171 -21.73 -4.98 14.29
C GLU B 171 -21.96 -4.35 15.67
N GLY B 172 -22.08 -3.02 15.72
CA GLY B 172 -22.05 -2.28 16.98
C GLY B 172 -20.64 -1.80 17.32
N TYR B 173 -20.55 -0.70 18.06
CA TYR B 173 -19.26 -0.18 18.58
C TYR B 173 -19.40 0.31 20.02
N ALA B 174 -18.73 -0.37 20.95
CA ALA B 174 -18.78 -0.02 22.38
C ALA B 174 -18.31 1.41 22.73
N GLN B 175 -17.34 1.95 21.96
CA GLN B 175 -16.88 3.33 22.23
C GLN B 175 -17.49 4.37 21.32
N TYR B 176 -18.69 4.12 20.81
CA TYR B 176 -19.40 5.07 19.94
C TYR B 176 -19.49 6.49 20.57
N ASP B 177 -19.98 6.58 21.79
CA ASP B 177 -20.16 7.89 22.41
C ASP B 177 -18.79 8.50 22.73
N GLU B 178 -17.84 7.69 23.19
CA GLU B 178 -16.49 8.20 23.51
C GLU B 178 -15.77 8.73 22.26
N LEU B 179 -16.06 8.15 21.10
CA LEU B 179 -15.51 8.62 19.83
C LEU B 179 -16.29 9.84 19.31
N VAL B 180 -17.60 9.89 19.51
CA VAL B 180 -18.39 11.07 19.08
C VAL B 180 -18.05 12.32 19.90
N SER B 181 -17.75 12.12 21.18
CA SER B 181 -17.39 13.22 22.06
C SER B 181 -15.92 13.59 21.81
N ALA B 182 -15.08 12.59 21.55
CA ALA B 182 -13.74 12.86 21.03
C ALA B 182 -13.84 13.82 19.85
N PHE B 183 -14.72 13.46 18.89
CA PHE B 183 -14.86 14.23 17.66
C PHE B 183 -15.39 15.64 17.98
N GLY B 184 -16.19 15.75 19.03
CA GLY B 184 -16.68 17.05 19.50
C GLY B 184 -15.54 17.95 19.94
N ARG B 185 -14.52 17.35 20.55
CA ARG B 185 -13.39 18.12 21.06
C ARG B 185 -12.33 18.38 20.00
N PHE B 186 -12.49 17.78 18.82
CA PHE B 186 -11.40 17.72 17.84
C PHE B 186 -11.07 19.08 17.25
N SER B 187 -12.08 19.92 17.01
CA SER B 187 -11.87 21.28 16.52
C SER B 187 -10.93 22.06 17.45
N ASP B 188 -11.13 21.90 18.75
CA ASP B 188 -10.33 22.59 19.75
C ASP B 188 -8.89 22.09 19.76
N VAL B 189 -8.73 20.77 19.70
CA VAL B 189 -7.40 20.18 19.63
C VAL B 189 -6.67 20.68 18.36
N VAL B 190 -7.36 20.67 17.21
CA VAL B 190 -6.77 21.17 15.96
C VAL B 190 -6.29 22.61 16.07
N HIS B 191 -7.14 23.51 16.55
CA HIS B 191 -6.75 24.92 16.69
C HIS B 191 -5.57 25.09 17.66
N GLY B 192 -5.64 24.42 18.80
CA GLY B 192 -4.54 24.40 19.76
C GLY B 192 -3.23 23.93 19.17
N ALA B 193 -3.31 22.88 18.37
CA ALA B 193 -2.14 22.28 17.75
C ALA B 193 -1.52 23.19 16.68
N GLN B 194 -2.38 23.77 15.83
CA GLN B 194 -1.93 24.68 14.77
C GLN B 194 -1.26 25.95 15.33
N ARG B 195 -1.80 26.47 16.43
CA ARG B 195 -1.19 27.60 17.13
C ARG B 195 0.17 27.18 17.69
N GLN B 196 0.18 26.05 18.38
CA GLN B 196 1.37 25.45 18.98
C GLN B 196 2.58 25.38 18.03
N VAL B 197 2.36 25.00 16.76
CA VAL B 197 3.46 24.67 15.85
C VAL B 197 3.98 25.86 15.07
N GLN B 198 3.37 27.03 15.24
CA GLN B 198 3.70 28.22 14.43
C GLN B 198 5.20 28.48 14.33
N GLU B 199 5.87 28.47 15.48
CA GLU B 199 7.27 28.84 15.59
C GLU B 199 8.15 27.72 15.01
N ASP B 200 7.86 26.49 15.42
CA ASP B 200 8.59 25.34 14.89
C ASP B 200 8.49 25.27 13.36
N ALA B 201 7.32 25.61 12.81
CA ALA B 201 7.08 25.58 11.37
C ALA B 201 7.97 26.57 10.63
N GLN B 202 8.22 27.71 11.26
CA GLN B 202 9.07 28.72 10.68
C GLN B 202 10.53 28.31 10.74
N ARG B 203 10.91 27.70 11.86
CA ARG B 203 12.24 27.16 12.03
C ARG B 203 12.48 26.04 11.01
N PHE B 204 11.50 25.16 10.89
CA PHE B 204 11.51 24.07 9.89
C PHE B 204 11.75 24.61 8.47
N ALA B 205 10.91 25.55 8.03
CA ALA B 205 11.00 26.12 6.70
C ALA B 205 12.37 26.75 6.43
N ALA B 206 12.86 27.55 7.39
CA ALA B 206 14.20 28.13 7.25
C ALA B 206 15.25 27.05 7.03
N GLU B 207 15.21 26.01 7.86
CA GLU B 207 16.20 24.92 7.81
C GLU B 207 16.02 23.85 6.70
N TRP B 208 14.84 23.76 6.10
CA TRP B 208 14.55 22.66 5.16
C TRP B 208 14.34 23.11 3.72
N LYS B 209 14.41 24.42 3.47
CA LYS B 209 14.03 25.02 2.19
C LYS B 209 14.92 24.58 1.01
N ASP B 210 16.12 24.08 1.26
CA ASP B 210 17.02 23.68 0.17
C ASP B 210 17.11 22.19 -0.05
N GLU B 211 16.36 21.39 0.72
CA GLU B 211 16.38 19.93 0.58
C GLU B 211 15.72 19.46 -0.72
N LYS B 212 16.36 18.51 -1.38
CA LYS B 212 15.96 18.00 -2.68
C LYS B 212 15.22 16.67 -2.56
N VAL B 213 15.42 15.99 -1.41
CA VAL B 213 14.81 14.69 -1.15
C VAL B 213 14.30 14.66 0.29
N VAL B 214 13.01 14.34 0.46
CA VAL B 214 12.42 14.21 1.81
C VAL B 214 11.64 12.91 1.93
N TYR B 215 11.97 12.13 2.96
CA TYR B 215 11.22 10.91 3.33
C TYR B 215 10.19 11.23 4.39
N GLY B 218 5.57 7.29 8.97
CA GLY B 218 4.45 7.13 9.87
C GLY B 218 4.04 5.66 10.00
N SER B 219 3.18 5.40 10.96
CA SER B 219 2.67 4.08 11.15
C SER B 219 1.23 4.21 11.61
N GLY B 220 0.58 3.06 11.71
CA GLY B 220 -0.80 2.96 12.16
C GLY B 220 -1.70 4.04 11.62
N PRO B 221 -2.24 4.87 12.50
CA PRO B 221 -3.24 5.84 12.02
C PRO B 221 -2.65 6.99 11.23
N SER B 222 -1.34 7.20 11.35
CA SER B 222 -0.69 8.35 10.70
C SER B 222 -0.05 8.03 9.35
N PHE B 223 -0.15 6.77 8.88
CA PHE B 223 0.52 6.42 7.63
C PHE B 223 -0.05 7.11 6.40
N GLY B 224 -1.38 7.22 6.32
CA GLY B 224 -2.03 7.88 5.19
C GLY B 224 -1.60 9.33 5.10
N ALA B 225 -1.53 9.98 6.26
CA ALA B 225 -1.09 11.38 6.35
C ALA B 225 0.38 11.53 5.85
N ALA B 226 1.22 10.53 6.15
CA ALA B 226 2.63 10.53 5.68
C ALA B 226 2.71 10.41 4.14
N HIS B 227 1.94 9.46 3.61
CA HIS B 227 1.89 9.26 2.18
C HIS B 227 1.32 10.48 1.49
N GLN B 228 0.30 11.05 2.08
CA GLN B 228 -0.37 12.22 1.49
C GLN B 228 0.58 13.42 1.37
N GLU B 229 1.36 13.67 2.42
CA GLU B 229 2.32 14.77 2.42
C GLU B 229 3.37 14.55 1.30
N SER B 230 3.79 13.30 1.20
CA SER B 230 4.75 12.90 0.24
C SER B 230 4.28 13.15 -1.20
N ILE B 231 3.10 12.65 -1.56
CA ILE B 231 2.65 12.71 -2.96
C ILE B 231 1.89 13.99 -3.32
N CYS B 232 1.11 14.54 -2.38
CA CYS B 232 0.29 15.72 -2.62
C CYS B 232 0.90 17.05 -2.21
N ILE B 233 1.97 17.03 -1.39
CA ILE B 233 2.60 18.25 -0.96
C ILE B 233 4.02 18.38 -1.48
N LEU B 234 4.87 17.40 -1.16
CA LEU B 234 6.28 17.50 -1.50
C LEU B 234 6.48 17.34 -3.02
N LEU B 235 5.93 16.29 -3.59
CA LEU B 235 6.03 16.12 -5.07
C LEU B 235 5.18 17.14 -5.80
N GLU B 236 3.87 17.18 -5.51
CA GLU B 236 2.91 17.94 -6.31
C GLU B 236 3.06 19.46 -6.20
N GLN B 238 5.41 21.27 -4.18
CA GLN B 238 6.78 21.82 -3.97
C GLN B 238 7.86 21.31 -4.92
N TRP B 239 7.55 20.29 -5.74
CA TRP B 239 8.56 19.65 -6.60
C TRP B 239 9.84 19.27 -5.81
N ILE B 240 9.66 18.65 -4.64
CA ILE B 240 10.73 18.05 -3.82
C ILE B 240 10.53 16.55 -3.97
N ASN B 241 11.62 15.87 -4.31
CA ASN B 241 11.62 14.41 -4.39
C ASN B 241 11.25 13.85 -3.06
N SER B 242 10.42 12.82 -3.06
CA SER B 242 9.92 12.23 -1.82
C SER B 242 9.36 10.82 -2.00
N ALA B 243 9.52 10.03 -0.93
CA ALA B 243 8.84 8.74 -0.74
C ALA B 243 8.28 8.72 0.67
N SER B 244 7.22 7.95 0.86
CA SER B 244 6.74 7.60 2.18
C SER B 244 7.29 6.22 2.55
N ILE B 245 7.57 6.06 3.85
CA ILE B 245 8.10 4.82 4.43
C ILE B 245 7.29 4.53 5.68
N HIS B 246 6.68 3.36 5.76
CA HIS B 246 6.05 2.94 6.99
C HIS B 246 7.11 2.76 8.07
N SER B 247 6.86 3.28 9.28
CA SER B 247 7.84 3.18 10.38
C SER B 247 8.32 1.74 10.61
N GLY B 248 7.43 0.77 10.47
CA GLY B 248 7.78 -0.67 10.52
C GLY B 248 8.62 -1.19 9.33
N GLU B 249 8.32 -0.68 8.13
CA GLU B 249 9.05 -1.09 6.92
C GLU B 249 10.48 -0.53 6.84
N TYR B 250 10.69 0.62 7.48
CA TYR B 250 11.99 1.30 7.48
C TYR B 250 13.19 0.37 7.65
N PHE B 251 13.05 -0.52 8.61
CA PHE B 251 14.11 -1.39 9.08
C PHE B 251 14.29 -2.65 8.23
N HIS B 252 13.61 -2.73 7.09
CA HIS B 252 13.71 -3.86 6.19
C HIS B 252 14.03 -3.43 4.76
N GLY B 253 14.92 -2.43 4.68
CA GLY B 253 15.51 -2.00 3.43
C GLY B 253 15.71 -0.50 3.34
N PRO B 254 14.62 0.25 3.39
CA PRO B 254 14.74 1.70 3.27
C PRO B 254 15.81 2.40 4.15
N PHE B 255 15.94 1.95 5.41
CA PHE B 255 16.93 2.53 6.35
C PHE B 255 18.39 2.59 5.91
N GLU B 256 18.78 1.71 5.00
CA GLU B 256 20.11 1.73 4.39
C GLU B 256 20.41 3.08 3.66
N ILE B 257 19.39 3.84 3.27
CA ILE B 257 19.60 5.18 2.65
C ILE B 257 20.07 6.26 3.67
N THR B 258 19.88 5.99 4.96
CA THR B 258 20.18 6.88 6.05
C THR B 258 21.71 7.08 6.25
N GLU B 259 22.08 8.31 6.46
CA GLU B 259 23.44 8.75 6.72
C GLU B 259 23.22 10.19 7.26
N PRO B 260 24.28 10.85 7.80
CA PRO B 260 24.05 12.17 8.33
C PRO B 260 23.38 13.12 7.31
N GLY B 261 22.31 13.76 7.76
CA GLY B 261 21.64 14.78 6.98
C GLY B 261 20.47 14.28 6.17
N THR B 262 20.25 12.96 6.10
CA THR B 262 19.10 12.42 5.35
C THR B 262 17.81 12.95 5.94
N PRO B 263 16.99 13.65 5.13
CA PRO B 263 15.77 14.25 5.71
C PRO B 263 14.57 13.32 5.88
N PHE B 264 14.11 13.19 7.12
CA PHE B 264 12.92 12.42 7.48
C PHE B 264 11.91 13.33 8.21
N ILE B 265 10.64 13.27 7.82
CA ILE B 265 9.59 13.91 8.62
C ILE B 265 8.73 12.75 9.11
N LEU B 266 8.84 12.50 10.42
CA LEU B 266 8.10 11.45 11.10
C LEU B 266 6.85 12.03 11.73
N LEU B 267 5.70 11.51 11.31
CA LEU B 267 4.41 11.84 11.89
C LEU B 267 4.13 10.75 12.94
N GLN B 268 4.54 11.05 14.18
CA GLN B 268 4.47 10.06 15.22
C GLN B 268 3.04 9.97 15.71
N SER B 269 2.64 8.74 16.01
CA SER B 269 1.31 8.46 16.49
C SER B 269 1.29 8.27 18.00
N SER B 270 0.11 8.51 18.56
CA SER B 270 -0.21 8.01 19.89
C SER B 270 -0.62 6.55 19.80
N GLY B 271 -0.89 5.96 20.95
CA GLY B 271 -1.47 4.62 21.01
C GLY B 271 -0.56 3.49 20.59
N ARG B 272 -1.16 2.47 19.99
CA ARG B 272 -0.55 1.16 19.83
C ARG B 272 0.70 1.05 18.96
N THR B 273 0.82 1.86 17.90
CA THR B 273 1.95 1.71 16.98
C THR B 273 3.10 2.66 17.33
N ARG B 274 2.93 3.44 18.38
CA ARG B 274 3.92 4.43 18.81
C ARG B 274 5.32 3.83 18.96
N PRO B 275 5.42 2.60 19.52
CA PRO B 275 6.70 1.90 19.61
C PRO B 275 7.43 1.64 18.29
N LEU B 276 6.71 1.49 17.17
CA LEU B 276 7.37 1.41 15.84
C LEU B 276 8.05 2.73 15.49
N ASP B 277 7.38 3.82 15.86
CA ASP B 277 7.88 5.16 15.64
C ASP B 277 9.07 5.50 16.57
N ASP B 278 8.99 5.15 17.85
CA ASP B 278 10.11 5.31 18.78
C ASP B 278 11.34 4.54 18.25
N ARG B 279 11.16 3.30 17.80
CA ARG B 279 12.29 2.54 17.23
C ARG B 279 12.96 3.29 16.07
N ALA B 280 12.14 3.90 15.23
CA ALA B 280 12.63 4.66 14.09
C ALA B 280 13.41 5.90 14.59
N ILE B 281 12.87 6.57 15.62
CA ILE B 281 13.50 7.79 16.13
C ILE B 281 14.89 7.51 16.72
N ARG B 282 15.02 6.40 17.46
CA ARG B 282 16.31 6.02 18.04
C ARG B 282 17.36 5.76 16.96
N PHE B 283 16.94 5.17 15.85
CA PHE B 283 17.86 4.84 14.80
C PHE B 283 18.24 6.08 14.02
N ILE B 284 17.24 6.82 13.55
CA ILE B 284 17.49 8.07 12.80
C ILE B 284 18.46 9.00 13.56
N GLU B 285 18.22 9.17 14.86
CA GLU B 285 19.04 10.05 15.65
C GLU B 285 20.47 9.51 15.86
N ARG B 286 20.61 8.20 16.02
CA ARG B 286 21.93 7.58 16.18
C ARG B 286 22.87 7.75 14.95
N TYR B 287 22.29 7.87 13.75
CA TYR B 287 23.06 8.10 12.53
C TYR B 287 22.81 9.50 11.96
N GLN B 288 22.37 10.40 12.82
CA GLN B 288 22.30 11.84 12.55
C GLN B 288 21.49 12.18 11.31
N GLY B 289 20.33 11.55 11.18
CA GLY B 289 19.38 11.94 10.15
C GLY B 289 18.92 13.34 10.50
N LYS B 290 18.56 14.11 9.49
CA LYS B 290 17.88 15.38 9.70
C LYS B 290 16.40 15.03 9.98
N LEU B 291 16.02 15.01 11.25
CA LEU B 291 14.68 14.57 11.62
C LEU B 291 13.77 15.74 12.00
N GLN B 292 12.63 15.90 11.31
CA GLN B 292 11.55 16.74 11.84
C GLN B 292 10.45 15.84 12.44
N LEU B 293 10.26 15.94 13.75
CA LEU B 293 9.34 15.10 14.46
C LEU B 293 8.09 15.90 14.71
N ILE B 294 6.95 15.32 14.36
CA ILE B 294 5.64 15.93 14.61
C ILE B 294 4.88 14.84 15.34
N ASP B 295 4.70 15.03 16.65
CA ASP B 295 4.13 14.02 17.52
C ASP B 295 2.71 14.42 17.91
N ALA B 296 1.74 13.59 17.52
CA ALA B 296 0.33 13.80 17.83
C ALA B 296 0.05 13.80 19.35
N ASP B 297 0.82 13.02 20.10
CA ASP B 297 0.73 13.00 21.56
C ASP B 297 1.29 14.24 22.27
N LYS B 298 2.08 15.03 21.55
CA LYS B 298 2.57 16.31 22.05
C LYS B 298 1.65 17.42 21.61
N LEU B 299 0.84 17.20 20.58
CA LEU B 299 -0.01 18.25 20.01
C LEU B 299 -1.49 18.11 20.40
N GLY B 300 -1.79 17.24 21.36
CA GLY B 300 -3.08 17.27 22.02
C GLY B 300 -4.03 16.12 21.79
N ILE B 301 -3.53 15.00 21.28
CA ILE B 301 -4.35 13.80 21.14
C ILE B 301 -4.75 13.25 22.51
N GLN B 302 -3.92 13.49 23.54
CA GLN B 302 -4.30 13.12 24.92
C GLN B 302 -5.54 13.85 25.40
N ASP B 303 -5.80 15.04 24.85
CA ASP B 303 -6.98 15.80 25.27
C ASP B 303 -8.29 15.30 24.62
N LEU B 304 -8.17 14.57 23.49
CA LEU B 304 -9.33 14.00 22.77
C LEU B 304 -10.02 12.89 23.52
N SER B 305 -9.20 11.98 23.99
CA SER B 305 -9.67 10.81 24.71
C SER B 305 -8.43 10.25 25.36
N THR B 306 -8.60 9.16 26.07
CA THR B 306 -7.50 8.29 26.44
C THR B 306 -7.74 6.95 25.77
N ASP B 307 -8.97 6.75 25.28
CA ASP B 307 -9.41 5.43 24.80
C ASP B 307 -9.22 5.35 23.30
N VAL B 308 -9.87 6.25 22.57
CA VAL B 308 -10.03 6.16 21.13
C VAL B 308 -9.24 7.23 20.37
N GLY B 309 -8.48 8.04 21.10
CA GLY B 309 -7.74 9.20 20.54
C GLY B 309 -6.83 8.83 19.39
N GLU B 310 -6.26 7.63 19.46
CA GLU B 310 -5.36 7.11 18.42
C GLU B 310 -5.96 7.24 17.02
N TYR B 311 -7.29 7.11 16.92
CA TYR B 311 -7.93 7.07 15.62
C TYR B 311 -7.99 8.45 14.94
N PHE B 312 -7.63 9.47 15.71
CA PHE B 312 -7.65 10.84 15.26
C PHE B 312 -6.28 11.35 14.81
N CYS B 313 -5.23 10.52 14.97
CA CYS B 313 -3.87 11.00 14.70
C CYS B 313 -3.64 11.44 13.27
N GLY B 314 -4.20 10.71 12.33
CA GLY B 314 -3.99 11.06 10.92
C GLY B 314 -4.64 12.38 10.57
N LEU B 315 -5.83 12.56 11.10
CA LEU B 315 -6.60 13.78 10.96
C LEU B 315 -5.85 14.97 11.55
N LEU B 316 -5.29 14.81 12.75
CA LEU B 316 -4.52 15.88 13.37
C LEU B 316 -3.31 16.21 12.54
N HIS B 317 -2.57 15.19 12.15
CA HIS B 317 -1.40 15.40 11.28
C HIS B 317 -1.74 16.19 10.02
N ASN B 318 -2.82 15.84 9.34
CA ASN B 318 -3.21 16.51 8.10
C ASN B 318 -3.29 18.01 8.34
N CYS B 319 -3.93 18.39 9.44
CA CYS B 319 -4.16 19.78 9.80
C CYS B 319 -2.90 20.48 10.25
N VAL B 320 -2.10 19.78 11.06
CA VAL B 320 -0.87 20.34 11.63
C VAL B 320 0.11 20.65 10.51
N LEU B 321 0.18 19.74 9.54
CA LEU B 321 1.05 19.92 8.39
C LEU B 321 0.72 21.16 7.53
N ASP B 322 -0.54 21.59 7.51
CA ASP B 322 -0.89 22.80 6.75
C ASP B 322 -0.02 23.99 7.14
N VAL B 323 0.29 24.08 8.43
CA VAL B 323 1.17 25.12 8.98
C VAL B 323 2.60 25.01 8.47
N TYR B 324 3.18 23.80 8.56
CA TYR B 324 4.54 23.56 8.07
C TYR B 324 4.66 23.78 6.54
N ASN B 325 3.63 23.34 5.82
CA ASN B 325 3.56 23.49 4.37
C ASN B 325 3.56 24.94 3.87
N LEU B 326 2.76 25.80 4.50
CA LEU B 326 2.71 27.22 4.15
C LEU B 326 4.07 27.87 4.39
N ALA B 327 4.60 27.71 5.61
CA ALA B 327 5.93 28.18 5.96
C ALA B 327 7.03 27.71 4.97
N LEU B 328 7.05 26.42 4.67
CA LEU B 328 8.03 25.90 3.72
C LEU B 328 7.86 26.53 2.34
N ALA B 329 6.63 26.57 1.86
CA ALA B 329 6.30 27.20 0.59
C ALA B 329 6.79 28.64 0.53
N THR B 330 6.65 29.37 1.64
CA THR B 330 7.11 30.76 1.73
C THR B 330 8.61 30.86 1.71
N ALA B 331 9.29 30.05 2.52
CA ALA B 331 10.76 30.09 2.55
C ALA B 331 11.37 29.73 1.17
N ARG B 332 10.69 28.84 0.43
CA ARG B 332 11.17 28.37 -0.89
C ARG B 332 10.63 29.21 -2.06
N ASN B 333 9.87 30.26 -1.75
CA ASN B 333 9.31 31.10 -2.79
C ASN B 333 8.65 30.28 -3.89
N HIS B 334 7.96 29.23 -3.45
CA HIS B 334 7.26 28.25 -4.28
C HIS B 334 5.82 28.15 -3.78
N PRO B 335 4.90 28.98 -4.30
CA PRO B 335 3.53 28.87 -3.81
C PRO B 335 2.96 27.47 -3.94
N LEU B 336 2.16 27.05 -2.95
CA LEU B 336 1.58 25.71 -2.92
C LEU B 336 0.63 25.44 -4.08
N THR B 337 0.18 26.51 -4.73
CA THR B 337 -0.72 26.49 -5.89
C THR B 337 0.02 26.38 -7.23
N THR B 338 1.35 26.44 -7.17
CA THR B 338 2.24 26.21 -8.30
C THR B 338 2.09 24.83 -8.92
N ARG B 339 1.89 24.81 -10.23
CA ARG B 339 1.80 23.58 -11.01
C ARG B 339 2.41 23.81 -12.38
N ARG B 340 3.05 22.80 -12.93
CA ARG B 340 3.42 22.88 -14.34
C ARG B 340 2.51 22.06 -15.26
N TYR B 341 1.81 21.09 -14.69
CA TYR B 341 1.02 20.16 -15.50
C TYR B 341 -0.45 20.18 -15.15
N TRP B 343 -4.04 21.04 -14.31
CA TRP B 343 -4.86 22.16 -14.74
C TRP B 343 -4.18 23.04 -15.79
N LYS B 344 -3.19 22.48 -16.51
CA LYS B 344 -2.44 23.25 -17.47
C LYS B 344 -2.26 22.52 -18.80
N VAL B 345 -1.86 21.26 -18.73
CA VAL B 345 -1.73 20.42 -19.93
C VAL B 345 -2.73 19.27 -19.88
N GLU B 346 -2.81 18.54 -20.99
CA GLU B 346 -3.64 17.35 -21.07
C GLU B 346 -2.74 16.11 -20.80
N TYR B 347 -3.30 15.12 -20.10
CA TYR B 347 -2.57 13.90 -19.75
C TYR B 347 -3.53 12.78 -19.43
#